data_6BSU
#
_entry.id   6BSU
#
_cell.length_a   94.304
_cell.length_b   135.683
_cell.length_c   113.226
_cell.angle_alpha   90.000
_cell.angle_beta   90.000
_cell.angle_gamma   90.000
#
_symmetry.space_group_name_H-M   'C 2 2 21'
#
loop_
_entity.id
_entity.type
_entity.pdbx_description
1 polymer 'Xyloglucan 6-xylosyltransferase 1'
2 non-polymer 'MANGANESE (II) ION'
3 water water
#
_entity_poly.entity_id   1
_entity_poly.type   'polypeptide(L)'
_entity_poly.pdbx_seq_one_letter_code
;PYSLGPKISDWDEQRRDWLKQNPSFPNFVAPNKPRVLLVTGSAPKPCENPVGDHYLLKSIKNKIDYCRIHGIEIFYNMAL
LDAEMAGFWAKLPLIRKLLLSHPEIEFLWWMDSDAMFTDMVFELPWERYKDYNLVMHGWNEMVYDQKNWIGLNTGSFLLR
NSQWSLDLLDAWAPMGPKGKIREEAGKVLTRELKDRPAFEADDQSAMVYLLATEREKWGGKVYLESGYYLHGYWGILVDR
YEEMIENHKPGFGDHRWPLVTHFVGCKPCGKFGDYPVERCLRQMDRAFNFGDNQILQMYGFTHKSLGSRRVKPTRNQTDR
PLDAKDEFGLLHPPFKAA
;
_entity_poly.pdbx_strand_id   A,B
#
loop_
_chem_comp.id
_chem_comp.type
_chem_comp.name
_chem_comp.formula
MN non-polymer 'MANGANESE (II) ION' 'Mn 2'
#
# COMPACT_ATOMS: atom_id res chain seq x y z
N PRO A 1 -24.32 -20.73 -20.20
CA PRO A 1 -23.01 -21.22 -19.74
C PRO A 1 -22.13 -20.06 -19.29
N TYR A 2 -21.66 -20.12 -18.05
CA TYR A 2 -20.90 -18.99 -17.51
C TYR A 2 -19.64 -18.77 -18.34
N SER A 3 -19.27 -17.50 -18.52
CA SER A 3 -18.07 -17.13 -19.25
C SER A 3 -17.38 -15.96 -18.55
N LEU A 4 -16.07 -16.05 -18.39
CA LEU A 4 -15.30 -14.93 -17.86
C LEU A 4 -15.25 -13.76 -18.83
N GLY A 5 -15.50 -13.99 -20.10
CA GLY A 5 -15.47 -12.93 -21.07
C GLY A 5 -15.34 -13.44 -22.48
N PRO A 6 -15.48 -12.54 -23.45
CA PRO A 6 -15.38 -12.94 -24.86
C PRO A 6 -14.05 -13.63 -25.13
N LYS A 7 -14.12 -14.71 -25.90
CA LYS A 7 -12.95 -15.54 -26.13
C LYS A 7 -11.87 -14.76 -26.86
N ILE A 8 -10.67 -14.78 -26.30
CA ILE A 8 -9.47 -14.28 -26.96
C ILE A 8 -8.58 -15.47 -27.25
N SER A 9 -8.09 -15.57 -28.49
CA SER A 9 -7.27 -16.68 -28.92
C SER A 9 -5.86 -16.28 -29.34
N ASP A 10 -5.58 -14.99 -29.50
CA ASP A 10 -4.32 -14.51 -30.03
C ASP A 10 -3.65 -13.55 -29.07
N TRP A 11 -3.75 -13.82 -27.77
CA TRP A 11 -3.26 -12.87 -26.78
C TRP A 11 -1.74 -12.77 -26.81
N ASP A 12 -1.05 -13.88 -27.07
CA ASP A 12 0.41 -13.80 -27.16
C ASP A 12 0.84 -12.86 -28.29
N GLU A 13 0.17 -12.93 -29.44
CA GLU A 13 0.48 -12.02 -30.53
C GLU A 13 0.10 -10.58 -30.19
N GLN A 14 -1.06 -10.39 -29.57
CA GLN A 14 -1.48 -9.05 -29.18
C GLN A 14 -0.46 -8.42 -28.23
N ARG A 15 0.00 -9.17 -27.23
CA ARG A 15 0.99 -8.65 -26.29
C ARG A 15 2.30 -8.34 -27.01
N ARG A 16 2.74 -9.25 -27.88
CA ARG A 16 3.98 -9.05 -28.63
C ARG A 16 3.91 -7.72 -29.38
N ASP A 17 2.83 -7.50 -30.12
CA ASP A 17 2.70 -6.26 -30.90
C ASP A 17 2.65 -5.04 -30.00
N TRP A 18 1.92 -5.11 -28.89
CA TRP A 18 1.82 -3.98 -27.98
C TRP A 18 3.17 -3.65 -27.36
N LEU A 19 3.91 -4.68 -26.93
CA LEU A 19 5.21 -4.44 -26.31
C LEU A 19 6.17 -3.78 -27.28
N LYS A 20 6.13 -4.20 -28.55
CA LYS A 20 7.01 -3.58 -29.55
C LYS A 20 6.64 -2.13 -29.79
N GLN A 21 5.35 -1.80 -29.75
CA GLN A 21 4.91 -0.43 -29.98
C GLN A 21 5.08 0.45 -28.75
N ASN A 22 5.32 -0.13 -27.57
CA ASN A 22 5.40 0.62 -26.32
C ASN A 22 6.65 0.20 -25.55
N PRO A 23 7.84 0.47 -26.11
CA PRO A 23 9.07 0.04 -25.45
C PRO A 23 9.35 0.74 -24.13
N SER A 24 8.66 1.84 -23.84
CA SER A 24 8.74 2.46 -22.52
C SER A 24 8.17 1.58 -21.42
N PHE A 25 7.43 0.53 -21.79
CA PHE A 25 6.79 -0.36 -20.82
C PHE A 25 7.25 -1.78 -21.08
N PRO A 26 8.51 -2.08 -20.80
CA PRO A 26 9.01 -3.45 -21.02
C PRO A 26 8.40 -4.42 -20.02
N ASN A 27 8.24 -5.66 -20.48
CA ASN A 27 7.71 -6.71 -19.63
C ASN A 27 8.78 -7.35 -18.74
N PHE A 28 10.05 -7.14 -19.04
CA PHE A 28 11.15 -7.54 -18.15
C PHE A 28 11.89 -6.27 -17.77
N VAL A 29 11.87 -5.93 -16.50
CA VAL A 29 12.53 -4.72 -16.02
C VAL A 29 14.04 -4.96 -15.96
N ALA A 30 14.48 -6.17 -16.31
CA ALA A 30 15.89 -6.52 -16.36
C ALA A 30 16.04 -8.00 -16.74
N PRO A 31 17.26 -8.45 -17.11
CA PRO A 31 17.44 -9.83 -17.62
C PRO A 31 16.50 -10.91 -17.11
N ASN A 32 16.69 -11.31 -15.86
CA ASN A 32 15.92 -12.40 -15.25
C ASN A 32 14.89 -11.85 -14.27
N LYS A 33 14.34 -10.67 -14.56
CA LYS A 33 13.51 -9.93 -13.62
C LYS A 33 12.24 -9.53 -14.34
N PRO A 34 11.21 -10.38 -14.34
CA PRO A 34 9.95 -10.00 -14.95
C PRO A 34 9.30 -8.86 -14.19
N ARG A 35 8.50 -8.08 -14.92
CA ARG A 35 7.66 -7.09 -14.26
C ARG A 35 6.50 -7.80 -13.59
N VAL A 36 6.31 -7.51 -12.29
CA VAL A 36 5.35 -8.23 -11.46
C VAL A 36 4.35 -7.26 -10.87
N LEU A 37 3.08 -7.66 -10.87
CA LEU A 37 2.02 -6.96 -10.16
C LEU A 37 1.49 -7.89 -9.08
N LEU A 38 1.60 -7.48 -7.83
CA LEU A 38 1.01 -8.21 -6.72
C LEU A 38 -0.40 -7.71 -6.52
N VAL A 39 -1.33 -8.65 -6.41
CA VAL A 39 -2.75 -8.36 -6.34
C VAL A 39 -3.29 -9.00 -5.08
N THR A 40 -4.03 -8.21 -4.31
CA THR A 40 -4.69 -8.67 -3.10
C THR A 40 -6.03 -7.97 -3.02
N GLY A 41 -6.76 -8.21 -1.94
CA GLY A 41 -8.04 -7.53 -1.83
C GLY A 41 -8.81 -7.98 -0.62
N SER A 42 -9.93 -7.29 -0.39
CA SER A 42 -10.84 -7.60 0.69
C SER A 42 -12.20 -7.01 0.37
N ALA A 43 -13.18 -7.30 1.22
CA ALA A 43 -14.56 -6.90 0.96
C ALA A 43 -14.72 -5.39 1.07
N PRO A 44 -15.62 -4.79 0.28
CA PRO A 44 -15.80 -3.34 0.36
C PRO A 44 -16.48 -2.87 1.63
N LYS A 45 -16.89 -3.76 2.51
CA LYS A 45 -17.64 -3.36 3.70
C LYS A 45 -16.86 -3.74 4.94
N PRO A 46 -17.13 -3.08 6.06
CA PRO A 46 -16.42 -3.43 7.29
C PRO A 46 -16.61 -4.89 7.66
N CYS A 47 -15.60 -5.43 8.34
CA CYS A 47 -15.64 -6.81 8.79
C CYS A 47 -16.81 -7.06 9.74
N GLU A 48 -17.40 -8.24 9.63
CA GLU A 48 -18.45 -8.65 10.56
C GLU A 48 -17.92 -8.73 11.99
N ASN A 49 -16.69 -9.23 12.15
CA ASN A 49 -15.95 -9.11 13.41
C ASN A 49 -15.16 -7.81 13.32
N PRO A 50 -15.51 -6.76 14.07
CA PRO A 50 -14.98 -5.43 13.73
C PRO A 50 -13.47 -5.27 13.80
N VAL A 51 -12.78 -5.94 14.74
CA VAL A 51 -11.33 -5.78 14.81
C VAL A 51 -10.64 -6.36 13.60
N GLY A 52 -11.35 -7.16 12.80
CA GLY A 52 -10.73 -7.73 11.62
C GLY A 52 -10.15 -6.68 10.69
N ASP A 53 -10.78 -5.50 10.62
CA ASP A 53 -10.24 -4.47 9.72
C ASP A 53 -8.85 -4.01 10.14
N HIS A 54 -8.57 -3.98 11.45
CA HIS A 54 -7.22 -3.64 11.88
C HIS A 54 -6.20 -4.63 11.33
N TYR A 55 -6.56 -5.92 11.32
CA TYR A 55 -5.65 -6.92 10.80
C TYR A 55 -5.48 -6.82 9.30
N LEU A 56 -6.55 -6.42 8.58
CA LEU A 56 -6.40 -6.15 7.15
C LEU A 56 -5.43 -5.02 6.90
N LEU A 57 -5.50 -3.98 7.74
CA LEU A 57 -4.59 -2.84 7.62
C LEU A 57 -3.14 -3.26 7.85
N LYS A 58 -2.88 -4.02 8.90
CA LYS A 58 -1.53 -4.50 9.14
C LYS A 58 -1.06 -5.37 7.97
N SER A 59 -1.96 -6.19 7.43
CA SER A 59 -1.60 -7.03 6.29
CA SER A 59 -1.60 -7.03 6.29
C SER A 59 -1.16 -6.20 5.09
N ILE A 60 -1.88 -5.13 4.78
CA ILE A 60 -1.49 -4.34 3.61
C ILE A 60 -0.21 -3.56 3.86
N LYS A 61 0.01 -3.08 5.09
CA LYS A 61 1.30 -2.46 5.41
C LYS A 61 2.44 -3.44 5.14
N ASN A 62 2.26 -4.69 5.59
CA ASN A 62 3.27 -5.72 5.41
C ASN A 62 3.59 -5.93 3.93
N LYS A 63 2.55 -5.96 3.07
CA LYS A 63 2.79 -6.16 1.63
C LYS A 63 3.42 -4.92 1.01
N ILE A 64 3.00 -3.73 1.43
CA ILE A 64 3.63 -2.50 0.94
C ILE A 64 5.14 -2.56 1.17
N ASP A 65 5.55 -3.02 2.35
CA ASP A 65 6.97 -3.05 2.68
C ASP A 65 7.72 -4.04 1.81
N TYR A 66 7.23 -5.27 1.69
CA TYR A 66 7.91 -6.25 0.85
C TYR A 66 8.00 -5.73 -0.58
N CYS A 67 6.90 -5.17 -1.09
CA CYS A 67 6.86 -4.78 -2.49
C CYS A 67 7.71 -3.54 -2.74
N ARG A 68 7.84 -2.66 -1.75
CA ARG A 68 8.71 -1.50 -1.92
C ARG A 68 10.17 -1.95 -2.04
N ILE A 69 10.59 -2.87 -1.17
CA ILE A 69 11.96 -3.37 -1.19
C ILE A 69 12.25 -4.09 -2.50
N HIS A 70 11.29 -4.86 -3.02
CA HIS A 70 11.52 -5.75 -4.13
C HIS A 70 11.04 -5.20 -5.48
N GLY A 71 10.56 -3.97 -5.51
CA GLY A 71 10.21 -3.34 -6.79
C GLY A 71 9.01 -3.96 -7.46
N ILE A 72 7.98 -4.26 -6.69
CA ILE A 72 6.76 -4.90 -7.19
C ILE A 72 5.62 -3.92 -6.99
N GLU A 73 4.79 -3.74 -8.01
CA GLU A 73 3.62 -2.88 -7.87
C GLU A 73 2.49 -3.65 -7.20
N ILE A 74 1.59 -2.92 -6.53
CA ILE A 74 0.46 -3.51 -5.82
C ILE A 74 -0.86 -2.98 -6.36
N PHE A 75 -1.82 -3.89 -6.52
CA PHE A 75 -3.22 -3.55 -6.75
C PHE A 75 -4.03 -4.15 -5.60
N TYR A 76 -4.84 -3.31 -4.94
CA TYR A 76 -5.68 -3.75 -3.83
C TYR A 76 -7.13 -3.62 -4.24
N ASN A 77 -7.80 -4.74 -4.47
CA ASN A 77 -9.17 -4.72 -4.94
C ASN A 77 -10.17 -4.70 -3.79
N MET A 78 -11.21 -3.87 -3.94
CA MET A 78 -12.32 -3.85 -3.01
C MET A 78 -13.68 -3.97 -3.70
N ALA A 79 -13.72 -4.34 -4.96
CA ALA A 79 -14.94 -4.30 -5.74
C ALA A 79 -15.32 -5.71 -6.18
N LEU A 80 -16.61 -6.02 -6.11
CA LEU A 80 -17.12 -7.29 -6.64
C LEU A 80 -17.45 -7.08 -8.11
N LEU A 81 -16.67 -7.69 -9.00
CA LEU A 81 -16.82 -7.46 -10.43
C LEU A 81 -17.86 -8.35 -11.07
N ASP A 82 -18.21 -9.46 -10.42
CA ASP A 82 -19.10 -10.47 -11.00
C ASP A 82 -19.84 -11.14 -9.86
N ALA A 83 -21.15 -10.92 -9.78
CA ALA A 83 -21.91 -11.41 -8.64
C ALA A 83 -21.92 -12.94 -8.59
N GLU A 84 -21.77 -13.60 -9.75
CA GLU A 84 -21.74 -15.05 -9.78
C GLU A 84 -20.44 -15.61 -9.19
N MET A 85 -19.38 -14.82 -9.14
CA MET A 85 -18.08 -15.30 -8.69
C MET A 85 -17.68 -14.58 -7.41
N ALA A 86 -18.58 -14.58 -6.43
CA ALA A 86 -18.30 -13.97 -5.15
C ALA A 86 -17.41 -14.87 -4.31
N GLY A 87 -16.89 -14.30 -3.23
CA GLY A 87 -16.09 -15.07 -2.29
C GLY A 87 -14.70 -15.34 -2.83
N PHE A 88 -14.19 -16.51 -2.53
CA PHE A 88 -12.86 -16.88 -3.01
C PHE A 88 -12.81 -17.09 -4.52
N TRP A 89 -13.96 -17.09 -5.22
CA TRP A 89 -13.92 -17.15 -6.67
C TRP A 89 -13.74 -15.79 -7.33
N ALA A 90 -13.80 -14.71 -6.54
CA ALA A 90 -13.73 -13.36 -7.10
C ALA A 90 -12.37 -13.06 -7.70
N LYS A 91 -11.32 -13.79 -7.28
CA LYS A 91 -10.01 -13.55 -7.86
C LYS A 91 -9.96 -13.88 -9.34
N LEU A 92 -10.82 -14.76 -9.85
CA LEU A 92 -10.72 -15.12 -11.27
C LEU A 92 -11.07 -13.96 -12.18
N PRO A 93 -12.25 -13.34 -12.08
CA PRO A 93 -12.54 -12.18 -12.95
C PRO A 93 -11.54 -11.06 -12.76
N LEU A 94 -11.09 -10.84 -11.53
CA LEU A 94 -10.14 -9.76 -11.26
C LEU A 94 -8.81 -10.02 -11.97
N ILE A 95 -8.29 -11.24 -11.85
CA ILE A 95 -7.02 -11.58 -12.48
C ILE A 95 -7.10 -11.42 -13.99
N ARG A 96 -8.18 -11.93 -14.61
CA ARG A 96 -8.31 -11.80 -16.05
C ARG A 96 -8.33 -10.34 -16.47
N LYS A 97 -9.09 -9.50 -15.76
CA LYS A 97 -9.15 -8.08 -16.09
C LYS A 97 -7.78 -7.42 -16.00
N LEU A 98 -7.03 -7.73 -14.94
CA LEU A 98 -5.72 -7.10 -14.77
C LEU A 98 -4.73 -7.56 -15.85
N LEU A 99 -4.75 -8.85 -16.20
CA LEU A 99 -3.83 -9.33 -17.24
C LEU A 99 -4.10 -8.63 -18.57
N LEU A 100 -5.38 -8.51 -18.94
CA LEU A 100 -5.73 -7.91 -20.22
C LEU A 100 -5.56 -6.40 -20.21
N SER A 101 -5.62 -5.76 -19.05
CA SER A 101 -5.46 -4.32 -18.97
C SER A 101 -3.99 -3.90 -18.88
N HIS A 102 -3.12 -4.80 -18.45
CA HIS A 102 -1.71 -4.50 -18.21
C HIS A 102 -0.85 -5.47 -19.01
N PRO A 103 -0.80 -5.31 -20.33
CA PRO A 103 0.07 -6.18 -21.14
C PRO A 103 1.54 -6.09 -20.76
N GLU A 104 1.95 -5.02 -20.10
CA GLU A 104 3.35 -4.86 -19.68
C GLU A 104 3.71 -5.76 -18.50
N ILE A 105 2.73 -6.22 -17.73
CA ILE A 105 3.03 -7.12 -16.63
C ILE A 105 3.30 -8.51 -17.18
N GLU A 106 4.40 -9.12 -16.73
CA GLU A 106 4.73 -10.49 -17.12
C GLU A 106 4.16 -11.54 -16.17
N PHE A 107 4.21 -11.30 -14.87
CA PHE A 107 3.63 -12.19 -13.88
C PHE A 107 2.71 -11.40 -12.96
N LEU A 108 1.56 -11.98 -12.67
CA LEU A 108 0.67 -11.48 -11.63
C LEU A 108 0.84 -12.39 -10.43
N TRP A 109 1.11 -11.80 -9.27
CA TRP A 109 1.27 -12.52 -8.01
C TRP A 109 0.01 -12.27 -7.20
N TRP A 110 -0.89 -13.27 -7.17
CA TRP A 110 -2.06 -13.20 -6.31
C TRP A 110 -1.65 -13.57 -4.90
N MET A 111 -2.05 -12.75 -3.92
CA MET A 111 -1.73 -13.03 -2.53
C MET A 111 -2.87 -12.62 -1.64
N ASP A 112 -3.39 -13.60 -0.88
CA ASP A 112 -4.51 -13.37 0.01
C ASP A 112 -4.16 -12.34 1.07
N SER A 113 -5.20 -11.68 1.56
CA SER A 113 -5.03 -10.76 2.67
C SER A 113 -4.47 -11.46 3.90
N ASP A 114 -4.79 -12.75 4.10
CA ASP A 114 -4.33 -13.46 5.29
C ASP A 114 -3.01 -14.19 5.07
N ALA A 115 -2.30 -13.87 3.98
CA ALA A 115 -0.95 -14.36 3.74
C ALA A 115 -0.01 -13.19 3.98
N MET A 116 0.94 -13.36 4.90
CA MET A 116 1.81 -12.29 5.36
C MET A 116 3.25 -12.61 4.96
N PHE A 117 3.99 -11.58 4.54
CA PHE A 117 5.41 -11.75 4.24
C PHE A 117 6.18 -11.80 5.55
N THR A 118 6.89 -12.90 5.76
CA THR A 118 7.74 -13.02 6.94
C THR A 118 9.23 -13.10 6.60
N ASP A 119 9.60 -13.14 5.32
CA ASP A 119 11.00 -13.00 4.90
C ASP A 119 11.06 -11.79 3.96
N MET A 120 11.56 -10.66 4.47
CA MET A 120 11.64 -9.45 3.66
C MET A 120 12.87 -9.45 2.77
N VAL A 121 13.81 -10.36 2.97
CA VAL A 121 15.03 -10.40 2.17
C VAL A 121 14.89 -11.27 0.94
N PHE A 122 14.20 -12.41 1.10
CA PHE A 122 14.14 -13.42 0.05
C PHE A 122 13.47 -12.87 -1.19
N GLU A 123 14.10 -13.11 -2.35
CA GLU A 123 13.60 -12.74 -3.66
C GLU A 123 13.21 -14.01 -4.41
N LEU A 124 12.05 -14.00 -5.07
CA LEU A 124 11.64 -15.20 -5.79
C LEU A 124 12.70 -15.57 -6.81
N PRO A 125 12.97 -16.87 -6.99
CA PRO A 125 13.95 -17.32 -8.00
C PRO A 125 13.35 -17.34 -9.40
N TRP A 126 13.19 -16.15 -9.99
CA TRP A 126 12.42 -16.01 -11.23
C TRP A 126 12.98 -16.88 -12.35
N GLU A 127 14.31 -17.02 -12.44
CA GLU A 127 14.89 -17.81 -13.53
C GLU A 127 14.40 -19.26 -13.49
N ARG A 128 14.07 -19.76 -12.30
CA ARG A 128 13.58 -21.13 -12.16
C ARG A 128 12.29 -21.35 -12.93
N TYR A 129 11.53 -20.28 -13.14
CA TYR A 129 10.18 -20.36 -13.70
C TYR A 129 10.12 -19.89 -15.15
N LYS A 130 11.27 -19.71 -15.81
CA LYS A 130 11.27 -19.14 -17.16
C LYS A 130 10.45 -19.96 -18.15
N ASP A 131 10.29 -21.26 -17.92
CA ASP A 131 9.54 -22.12 -18.83
C ASP A 131 8.16 -22.50 -18.28
N TYR A 132 7.67 -21.77 -17.30
CA TYR A 132 6.42 -22.12 -16.63
C TYR A 132 5.49 -20.93 -16.63
N ASN A 133 4.19 -21.24 -16.51
CA ASN A 133 3.16 -20.20 -16.52
C ASN A 133 2.37 -20.07 -15.24
N LEU A 134 2.38 -21.07 -14.36
CA LEU A 134 1.66 -21.01 -13.10
C LEU A 134 2.56 -21.63 -12.05
N VAL A 135 2.80 -20.90 -10.97
CA VAL A 135 3.65 -21.35 -9.87
C VAL A 135 2.81 -21.30 -8.59
N MET A 136 2.67 -22.46 -7.93
CA MET A 136 1.96 -22.56 -6.67
C MET A 136 2.78 -23.42 -5.71
N HIS A 137 2.67 -23.13 -4.42
CA HIS A 137 3.26 -24.03 -3.43
C HIS A 137 2.49 -25.33 -3.43
N GLY A 138 3.21 -26.45 -3.41
CA GLY A 138 2.56 -27.74 -3.33
C GLY A 138 3.51 -28.86 -3.70
N TRP A 139 2.94 -30.07 -3.72
CA TRP A 139 3.71 -31.30 -3.88
C TRP A 139 3.05 -32.15 -4.96
N ASN A 140 3.85 -32.60 -5.93
CA ASN A 140 3.33 -33.40 -7.04
C ASN A 140 2.56 -34.63 -6.54
N GLU A 141 3.10 -35.34 -5.54
CA GLU A 141 2.45 -36.56 -5.07
C GLU A 141 1.09 -36.25 -4.44
N MET A 142 1.00 -35.14 -3.71
CA MET A 142 -0.27 -34.81 -3.06
C MET A 142 -1.33 -34.42 -4.08
N VAL A 143 -0.92 -33.75 -5.16
CA VAL A 143 -1.88 -33.25 -6.15
C VAL A 143 -2.27 -34.36 -7.13
N TYR A 144 -1.28 -34.89 -7.84
CA TYR A 144 -1.56 -35.76 -8.97
C TYR A 144 -1.86 -37.20 -8.55
N ASP A 145 -1.23 -37.69 -7.48
CA ASP A 145 -1.46 -39.06 -7.06
C ASP A 145 -2.57 -39.17 -6.01
N GLN A 146 -2.50 -38.37 -4.95
CA GLN A 146 -3.47 -38.45 -3.86
C GLN A 146 -4.70 -37.59 -4.09
N LYS A 147 -4.61 -36.57 -4.94
CA LYS A 147 -5.71 -35.63 -5.16
C LYS A 147 -6.14 -34.98 -3.84
N ASN A 148 -5.15 -34.57 -3.05
CA ASN A 148 -5.43 -33.97 -1.75
C ASN A 148 -5.83 -32.52 -1.93
N TRP A 149 -6.93 -32.11 -1.29
CA TRP A 149 -7.45 -30.77 -1.48
C TRP A 149 -6.49 -29.70 -0.99
N ILE A 150 -5.50 -30.05 -0.18
CA ILE A 150 -4.47 -29.08 0.22
C ILE A 150 -3.12 -29.45 -0.37
N GLY A 151 -3.11 -30.25 -1.43
CA GLY A 151 -1.86 -30.59 -2.10
C GLY A 151 -1.19 -29.41 -2.79
N LEU A 152 -1.94 -28.34 -3.05
CA LEU A 152 -1.40 -27.07 -3.52
C LEU A 152 -2.15 -25.96 -2.80
N ASN A 153 -1.71 -24.72 -2.98
CA ASN A 153 -2.32 -23.58 -2.33
C ASN A 153 -2.57 -22.48 -3.35
N THR A 154 -3.79 -21.93 -3.36
CA THR A 154 -4.10 -20.83 -4.26
C THR A 154 -4.16 -19.49 -3.55
N GLY A 155 -3.61 -19.41 -2.34
CA GLY A 155 -3.56 -18.12 -1.65
C GLY A 155 -2.33 -17.29 -1.91
N SER A 156 -1.35 -17.86 -2.62
CA SER A 156 -0.14 -17.11 -3.00
C SER A 156 0.39 -17.82 -4.26
N PHE A 157 0.20 -17.20 -5.43
CA PHE A 157 0.62 -17.88 -6.65
C PHE A 157 1.00 -16.87 -7.72
N LEU A 158 1.81 -17.34 -8.68
CA LEU A 158 2.27 -16.55 -9.80
C LEU A 158 1.61 -17.07 -11.07
N LEU A 159 1.05 -16.15 -11.85
CA LEU A 159 0.42 -16.50 -13.12
C LEU A 159 0.98 -15.60 -14.22
N ARG A 160 1.55 -16.22 -15.26
CA ARG A 160 2.14 -15.45 -16.35
C ARG A 160 1.05 -14.84 -17.21
N ASN A 161 1.32 -13.64 -17.72
CA ASN A 161 0.40 -12.98 -18.64
C ASN A 161 0.62 -13.64 -20.00
N SER A 162 -0.30 -14.52 -20.40
CA SER A 162 -0.11 -15.33 -21.58
C SER A 162 -1.45 -15.90 -22.01
N GLN A 163 -1.52 -16.32 -23.28
CA GLN A 163 -2.72 -17.00 -23.76
C GLN A 163 -3.00 -18.24 -22.94
N TRP A 164 -1.96 -19.01 -22.60
CA TRP A 164 -2.13 -20.20 -21.77
C TRP A 164 -2.88 -19.86 -20.50
N SER A 165 -2.56 -18.72 -19.89
CA SER A 165 -3.19 -18.36 -18.62
C SER A 165 -4.65 -17.96 -18.81
N LEU A 166 -4.99 -17.28 -19.92
CA LEU A 166 -6.39 -17.01 -20.19
C LEU A 166 -7.15 -18.32 -20.34
N ASP A 167 -6.55 -19.28 -21.04
CA ASP A 167 -7.18 -20.58 -21.20
C ASP A 167 -7.34 -21.29 -19.87
N LEU A 168 -6.33 -21.19 -19.01
CA LEU A 168 -6.42 -21.82 -17.69
C LEU A 168 -7.56 -21.22 -16.88
N LEU A 169 -7.68 -19.89 -16.89
CA LEU A 169 -8.76 -19.25 -16.16
C LEU A 169 -10.11 -19.76 -16.64
N ASP A 170 -10.29 -19.89 -17.96
CA ASP A 170 -11.54 -20.42 -18.51
C ASP A 170 -11.79 -21.85 -18.01
N ALA A 171 -10.75 -22.67 -17.91
CA ALA A 171 -10.90 -24.05 -17.48
C ALA A 171 -11.10 -24.20 -15.98
N TRP A 172 -10.69 -23.19 -15.21
CA TRP A 172 -10.77 -23.16 -13.75
C TRP A 172 -12.11 -22.67 -13.27
N ALA A 173 -12.72 -21.75 -14.00
CA ALA A 173 -13.95 -21.08 -13.58
C ALA A 173 -15.23 -21.92 -13.54
N PRO A 174 -15.36 -23.04 -14.26
CA PRO A 174 -16.70 -23.66 -14.41
C PRO A 174 -17.39 -24.09 -13.11
N MET A 175 -16.64 -24.48 -12.07
CA MET A 175 -17.26 -24.86 -10.81
C MET A 175 -17.61 -23.68 -9.92
N GLY A 176 -17.33 -22.45 -10.37
CA GLY A 176 -17.47 -21.26 -9.55
C GLY A 176 -18.84 -20.60 -9.45
N PRO A 177 -19.63 -20.59 -10.53
CA PRO A 177 -20.89 -19.84 -10.49
C PRO A 177 -21.76 -20.18 -9.28
N LYS A 178 -22.13 -19.14 -8.54
CA LYS A 178 -22.87 -19.32 -7.29
C LYS A 178 -24.22 -20.01 -7.53
N GLY A 179 -24.63 -20.83 -6.56
CA GLY A 179 -25.89 -21.54 -6.66
C GLY A 179 -25.69 -23.00 -6.94
N LYS A 180 -26.60 -23.59 -7.73
CA LYS A 180 -26.60 -25.03 -7.94
C LYS A 180 -25.27 -25.52 -8.50
N ILE A 181 -24.66 -24.76 -9.42
CA ILE A 181 -23.39 -25.18 -10.02
C ILE A 181 -22.32 -25.35 -8.95
N ARG A 182 -22.11 -24.32 -8.13
CA ARG A 182 -21.06 -24.38 -7.12
C ARG A 182 -21.40 -25.40 -6.02
N GLU A 183 -22.68 -25.54 -5.68
CA GLU A 183 -23.07 -26.51 -4.66
C GLU A 183 -22.81 -27.93 -5.13
N GLU A 184 -23.25 -28.26 -6.35
CA GLU A 184 -23.06 -29.62 -6.84
C GLU A 184 -21.60 -29.90 -7.13
N ALA A 185 -20.86 -28.91 -7.61
CA ALA A 185 -19.43 -29.11 -7.82
C ALA A 185 -18.74 -29.41 -6.49
N GLY A 186 -19.20 -28.80 -5.40
CA GLY A 186 -18.64 -29.11 -4.09
C GLY A 186 -18.86 -30.56 -3.71
N LYS A 187 -20.02 -31.11 -4.04
CA LYS A 187 -20.27 -32.52 -3.78
C LYS A 187 -19.32 -33.41 -4.60
N VAL A 188 -19.08 -33.05 -5.86
CA VAL A 188 -18.14 -33.81 -6.67
C VAL A 188 -16.74 -33.74 -6.07
N LEU A 189 -16.32 -32.54 -5.68
CA LEU A 189 -14.97 -32.37 -5.16
C LEU A 189 -14.77 -33.13 -3.86
N THR A 190 -15.78 -33.13 -2.99
CA THR A 190 -15.61 -33.85 -1.73
C THR A 190 -15.55 -35.35 -1.97
N ARG A 191 -16.26 -35.83 -3.00
CA ARG A 191 -16.22 -37.24 -3.33
C ARG A 191 -14.89 -37.64 -3.97
N GLU A 192 -14.32 -36.75 -4.80
CA GLU A 192 -13.18 -37.11 -5.64
C GLU A 192 -11.83 -36.75 -5.04
N LEU A 193 -11.76 -35.74 -4.18
CA LEU A 193 -10.52 -35.32 -3.56
C LEU A 193 -10.37 -35.92 -2.17
N LYS A 194 -9.12 -36.05 -1.74
CA LYS A 194 -8.79 -36.62 -0.44
C LYS A 194 -8.85 -35.56 0.65
N ASP A 195 -9.50 -35.91 1.76
CA ASP A 195 -9.52 -35.12 2.99
C ASP A 195 -10.37 -33.85 2.88
N ARG A 196 -11.21 -33.73 1.85
CA ARG A 196 -11.98 -32.49 1.73
C ARG A 196 -13.25 -32.58 2.57
N PRO A 197 -13.55 -31.57 3.39
CA PRO A 197 -14.85 -31.55 4.08
C PRO A 197 -15.97 -31.24 3.09
N ALA A 198 -17.20 -31.34 3.58
CA ALA A 198 -18.37 -31.04 2.75
C ALA A 198 -18.63 -29.54 2.73
N PHE A 199 -18.52 -28.93 1.56
CA PHE A 199 -18.88 -27.54 1.36
C PHE A 199 -18.87 -27.25 -0.14
N GLU A 200 -19.46 -26.11 -0.51
CA GLU A 200 -19.54 -25.73 -1.90
C GLU A 200 -18.14 -25.63 -2.51
N ALA A 201 -18.07 -25.73 -3.83
CA ALA A 201 -16.78 -25.71 -4.51
C ALA A 201 -16.00 -24.44 -4.20
N ASP A 202 -14.72 -24.60 -3.95
CA ASP A 202 -13.79 -23.49 -3.78
C ASP A 202 -12.71 -23.57 -4.86
N ASP A 203 -12.04 -22.44 -5.06
CA ASP A 203 -11.06 -22.32 -6.14
C ASP A 203 -9.86 -23.23 -5.95
N GLN A 204 -9.42 -23.45 -4.71
CA GLN A 204 -8.25 -24.28 -4.50
C GLN A 204 -8.55 -25.75 -4.81
N SER A 205 -9.65 -26.27 -4.27
CA SER A 205 -10.06 -27.63 -4.58
C SER A 205 -10.29 -27.80 -6.07
N ALA A 206 -10.91 -26.79 -6.72
CA ALA A 206 -11.16 -26.88 -8.14
C ALA A 206 -9.86 -26.97 -8.95
N MET A 207 -8.81 -26.29 -8.49
CA MET A 207 -7.51 -26.35 -9.16
C MET A 207 -6.86 -27.71 -8.98
N VAL A 208 -6.92 -28.29 -7.77
CA VAL A 208 -6.41 -29.64 -7.59
C VAL A 208 -7.11 -30.59 -8.56
N TYR A 209 -8.44 -30.49 -8.63
CA TYR A 209 -9.21 -31.39 -9.48
C TYR A 209 -8.86 -31.19 -10.94
N LEU A 210 -8.75 -29.93 -11.38
CA LEU A 210 -8.38 -29.65 -12.76
C LEU A 210 -7.03 -30.27 -13.09
N LEU A 211 -6.03 -30.02 -12.24
CA LEU A 211 -4.70 -30.54 -12.56
C LEU A 211 -4.66 -32.06 -12.50
N ALA A 212 -5.34 -32.66 -11.51
CA ALA A 212 -5.26 -34.11 -11.35
C ALA A 212 -5.96 -34.84 -12.49
N THR A 213 -7.04 -34.27 -13.01
CA THR A 213 -7.81 -34.91 -14.07
C THR A 213 -7.40 -34.47 -15.47
N GLU A 214 -6.75 -33.32 -15.62
CA GLU A 214 -6.31 -32.84 -16.92
C GLU A 214 -4.81 -32.58 -16.94
N ARG A 215 -4.03 -33.47 -16.32
CA ARG A 215 -2.60 -33.24 -16.19
C ARG A 215 -1.92 -33.12 -17.55
N GLU A 216 -2.37 -33.92 -18.53
CA GLU A 216 -1.73 -33.88 -19.84
C GLU A 216 -1.85 -32.51 -20.48
N LYS A 217 -2.95 -31.81 -20.22
CA LYS A 217 -3.16 -30.51 -20.86
C LYS A 217 -2.41 -29.40 -20.13
N TRP A 218 -2.37 -29.42 -18.80
CA TRP A 218 -1.92 -28.26 -18.02
C TRP A 218 -0.62 -28.48 -17.27
N GLY A 219 -0.27 -29.71 -16.94
CA GLY A 219 0.78 -29.95 -15.95
C GLY A 219 2.15 -29.48 -16.38
N GLY A 220 2.45 -29.54 -17.68
CA GLY A 220 3.78 -29.19 -18.16
C GLY A 220 4.18 -27.75 -17.91
N LYS A 221 3.21 -26.85 -17.80
CA LYS A 221 3.47 -25.43 -17.56
C LYS A 221 3.20 -25.01 -16.10
N VAL A 222 2.88 -25.96 -15.24
CA VAL A 222 2.64 -25.70 -13.81
C VAL A 222 3.86 -26.14 -13.05
N TYR A 223 4.37 -25.26 -12.19
CA TYR A 223 5.47 -25.56 -11.28
C TYR A 223 4.91 -25.62 -9.87
N LEU A 224 4.88 -26.81 -9.28
CA LEU A 224 4.53 -26.97 -7.87
C LEU A 224 5.82 -26.83 -7.07
N GLU A 225 5.91 -25.75 -6.32
CA GLU A 225 7.12 -25.36 -5.59
C GLU A 225 7.03 -25.86 -4.15
N SER A 226 8.06 -26.60 -3.72
CA SER A 226 8.15 -26.98 -2.31
C SER A 226 9.48 -26.61 -1.71
N GLY A 227 10.32 -25.87 -2.45
CA GLY A 227 11.64 -25.54 -1.96
C GLY A 227 11.66 -24.43 -0.94
N TYR A 228 10.67 -23.54 -0.98
CA TYR A 228 10.53 -22.45 -0.03
C TYR A 228 9.05 -22.21 0.17
N TYR A 229 8.71 -21.42 1.18
CA TYR A 229 7.31 -21.23 1.57
C TYR A 229 6.66 -20.07 0.80
N LEU A 230 6.44 -20.31 -0.50
CA LEU A 230 5.58 -19.42 -1.28
C LEU A 230 4.20 -19.30 -0.62
N HIS A 231 3.73 -20.40 -0.04
CA HIS A 231 2.69 -20.43 0.97
C HIS A 231 3.29 -21.20 2.14
N GLY A 232 3.07 -20.72 3.35
CA GLY A 232 3.56 -21.40 4.53
C GLY A 232 2.47 -21.51 5.56
N TYR A 233 2.07 -22.72 5.88
CA TYR A 233 0.94 -22.90 6.80
C TYR A 233 1.30 -22.37 8.18
N TRP A 234 0.49 -21.46 8.71
CA TRP A 234 0.85 -20.76 9.95
C TRP A 234 1.10 -21.73 11.09
N GLY A 235 0.32 -22.81 11.16
CA GLY A 235 0.35 -23.65 12.34
C GLY A 235 1.69 -24.30 12.62
N ILE A 236 2.51 -24.49 11.60
CA ILE A 236 3.81 -25.13 11.76
C ILE A 236 4.94 -24.13 11.81
N LEU A 237 4.64 -22.85 11.76
CA LEU A 237 5.64 -21.79 11.70
C LEU A 237 5.64 -20.87 12.91
N VAL A 238 4.45 -20.42 13.34
CA VAL A 238 4.40 -19.26 14.22
C VAL A 238 5.01 -19.53 15.59
N ASP A 239 4.93 -20.77 16.08
CA ASP A 239 5.52 -21.04 17.39
C ASP A 239 7.03 -21.16 17.33
N ARG A 240 7.61 -21.18 16.14
CA ARG A 240 9.04 -21.37 15.93
C ARG A 240 9.78 -20.06 15.66
N TYR A 241 9.10 -18.93 15.67
CA TYR A 241 9.74 -17.70 15.22
C TYR A 241 10.96 -17.37 16.07
N GLU A 242 10.85 -17.52 17.39
CA GLU A 242 11.98 -17.16 18.23
C GLU A 242 13.18 -18.07 17.98
N GLU A 243 12.93 -19.35 17.70
CA GLU A 243 14.02 -20.25 17.34
C GLU A 243 14.67 -19.81 16.03
N MET A 244 13.88 -19.36 15.06
CA MET A 244 14.45 -18.88 13.81
C MET A 244 15.36 -17.67 14.07
N ILE A 245 14.92 -16.75 14.92
CA ILE A 245 15.71 -15.57 15.22
C ILE A 245 17.02 -15.96 15.88
N GLU A 246 17.00 -16.96 16.75
CA GLU A 246 18.21 -17.36 17.44
C GLU A 246 19.19 -18.09 16.53
N ASN A 247 18.67 -18.93 15.63
CA ASN A 247 19.51 -19.86 14.89
C ASN A 247 19.78 -19.44 13.45
N HIS A 248 18.89 -18.66 12.84
CA HIS A 248 18.96 -18.35 11.43
C HIS A 248 18.92 -16.85 11.22
N LYS A 249 18.65 -16.42 9.99
CA LYS A 249 18.65 -15.02 9.60
C LYS A 249 17.68 -14.87 8.45
N PRO A 250 17.17 -13.66 8.22
CA PRO A 250 16.31 -13.44 7.05
C PRO A 250 17.05 -13.82 5.77
N GLY A 251 16.30 -14.38 4.84
CA GLY A 251 16.80 -14.68 3.52
C GLY A 251 16.63 -16.12 3.08
N PHE A 252 16.38 -17.03 4.00
CA PHE A 252 16.34 -18.45 3.63
C PHE A 252 15.07 -18.77 2.84
N GLY A 253 13.93 -18.24 3.28
CA GLY A 253 12.65 -18.43 2.59
C GLY A 253 11.92 -19.69 2.94
N ASP A 254 12.59 -20.68 3.53
CA ASP A 254 12.04 -22.01 3.79
C ASP A 254 11.79 -22.16 5.30
N HIS A 255 11.86 -23.40 5.81
CA HIS A 255 11.58 -23.64 7.22
C HIS A 255 12.52 -22.85 8.14
N ARG A 256 13.68 -22.44 7.65
CA ARG A 256 14.60 -21.66 8.47
C ARG A 256 14.16 -20.22 8.64
N TRP A 257 13.36 -19.71 7.72
CA TRP A 257 12.87 -18.33 7.76
C TRP A 257 11.83 -18.19 6.65
N PRO A 258 10.55 -18.36 6.96
CA PRO A 258 9.55 -18.56 5.90
C PRO A 258 9.23 -17.29 5.12
N LEU A 259 9.16 -17.41 3.79
CA LEU A 259 8.77 -16.26 2.98
C LEU A 259 7.37 -15.77 3.34
N VAL A 260 6.40 -16.69 3.42
CA VAL A 260 5.01 -16.36 3.66
C VAL A 260 4.51 -17.18 4.84
N THR A 261 3.83 -16.52 5.77
CA THR A 261 3.04 -17.18 6.81
C THR A 261 1.57 -16.92 6.48
N HIS A 262 0.82 -17.99 6.26
CA HIS A 262 -0.55 -17.91 5.72
C HIS A 262 -1.52 -18.53 6.71
N PHE A 263 -2.51 -17.74 7.13
CA PHE A 263 -3.36 -18.06 8.29
C PHE A 263 -4.63 -18.81 7.86
N VAL A 264 -4.40 -19.89 7.10
CA VAL A 264 -5.49 -20.76 6.68
C VAL A 264 -6.21 -21.33 7.89
N GLY A 265 -7.55 -21.28 7.85
CA GLY A 265 -8.38 -21.75 8.95
C GLY A 265 -8.75 -20.70 9.97
N CYS A 266 -8.13 -19.53 9.90
CA CYS A 266 -8.47 -18.42 10.76
C CYS A 266 -9.49 -17.52 10.07
N LYS A 267 -10.45 -17.01 10.83
CA LYS A 267 -11.46 -16.08 10.34
C LYS A 267 -11.47 -14.83 11.22
N PRO A 268 -10.47 -13.96 11.05
CA PRO A 268 -10.42 -12.73 11.87
C PRO A 268 -11.47 -11.71 11.48
N CYS A 269 -11.98 -11.77 10.26
CA CYS A 269 -12.90 -10.78 9.74
C CYS A 269 -14.32 -11.32 9.64
N GLY A 270 -14.48 -12.57 9.26
CA GLY A 270 -15.80 -13.21 9.15
C GLY A 270 -16.12 -14.05 10.37
N LYS A 271 -16.72 -15.22 10.12
CA LYS A 271 -17.16 -16.09 11.19
C LYS A 271 -16.87 -17.53 10.82
N PHE A 272 -17.02 -18.42 11.81
CA PHE A 272 -16.96 -19.88 11.61
C PHE A 272 -15.59 -20.37 11.17
N GLY A 273 -14.53 -19.86 11.79
CA GLY A 273 -13.20 -20.36 11.54
C GLY A 273 -12.96 -21.73 12.16
N ASP A 274 -11.84 -22.34 11.77
CA ASP A 274 -11.46 -23.63 12.32
C ASP A 274 -10.65 -23.51 13.61
N TYR A 275 -10.18 -22.31 13.96
CA TYR A 275 -9.36 -22.08 15.13
C TYR A 275 -9.92 -20.91 15.91
N PRO A 276 -9.67 -20.86 17.22
CA PRO A 276 -10.19 -19.75 18.04
C PRO A 276 -9.63 -18.42 17.56
N VAL A 277 -10.51 -17.42 17.46
CA VAL A 277 -10.11 -16.11 16.94
C VAL A 277 -8.97 -15.53 17.77
N GLU A 278 -9.05 -15.66 19.09
CA GLU A 278 -8.02 -15.03 19.92
C GLU A 278 -6.63 -15.60 19.61
N ARG A 279 -6.53 -16.92 19.44
CA ARG A 279 -5.24 -17.52 19.09
C ARG A 279 -4.77 -17.02 17.73
N CYS A 280 -5.68 -16.99 16.75
CA CYS A 280 -5.35 -16.49 15.42
C CYS A 280 -4.81 -15.07 15.49
N LEU A 281 -5.54 -14.18 16.15
CA LEU A 281 -5.12 -12.78 16.18
C LEU A 281 -3.76 -12.59 16.86
N ARG A 282 -3.53 -13.28 17.96
CA ARG A 282 -2.25 -13.11 18.65
CA ARG A 282 -2.25 -13.11 18.65
C ARG A 282 -1.10 -13.65 17.82
N GLN A 283 -1.34 -14.72 17.03
CA GLN A 283 -0.26 -15.22 16.16
C GLN A 283 -0.10 -14.34 14.94
N MET A 284 -1.18 -13.72 14.45
N MET A 284 -1.19 -13.74 14.44
CA MET A 284 -1.05 -12.77 13.37
CA MET A 284 -1.05 -12.77 13.37
C MET A 284 -0.26 -11.54 13.81
C MET A 284 -0.23 -11.57 13.81
N ASP A 285 -0.41 -11.13 15.07
CA ASP A 285 0.41 -10.03 15.60
C ASP A 285 1.89 -10.44 15.63
N ARG A 286 2.16 -11.67 16.04
CA ARG A 286 3.55 -12.15 16.08
C ARG A 286 4.15 -12.22 14.69
N ALA A 287 3.39 -12.72 13.72
CA ALA A 287 3.88 -12.78 12.34
C ALA A 287 4.14 -11.37 11.81
N PHE A 288 3.23 -10.43 12.06
CA PHE A 288 3.43 -9.06 11.61
C PHE A 288 4.72 -8.49 12.19
N ASN A 289 4.92 -8.67 13.50
CA ASN A 289 6.13 -8.13 14.10
C ASN A 289 7.39 -8.86 13.63
N PHE A 290 7.30 -10.16 13.37
CA PHE A 290 8.43 -10.89 12.82
C PHE A 290 8.87 -10.28 11.50
N GLY A 291 7.91 -9.97 10.63
CA GLY A 291 8.24 -9.28 9.38
C GLY A 291 8.67 -7.84 9.60
N ASP A 292 7.96 -7.12 10.47
CA ASP A 292 8.22 -5.69 10.66
C ASP A 292 9.59 -5.43 11.26
N ASN A 293 10.10 -6.35 12.09
CA ASN A 293 11.45 -6.20 12.62
C ASN A 293 12.47 -6.09 11.51
N GLN A 294 12.25 -6.77 10.40
CA GLN A 294 13.20 -6.71 9.30
C GLN A 294 13.16 -5.36 8.60
N ILE A 295 12.01 -4.68 8.62
CA ILE A 295 11.90 -3.33 8.09
C ILE A 295 12.50 -2.32 9.06
N LEU A 296 12.10 -2.40 10.33
CA LEU A 296 12.57 -1.44 11.33
C LEU A 296 14.07 -1.50 11.50
N GLN A 297 14.67 -2.66 11.32
CA GLN A 297 16.10 -2.77 11.61
C GLN A 297 16.94 -1.96 10.63
N MET A 298 16.46 -1.79 9.40
CA MET A 298 17.09 -0.88 8.45
C MET A 298 17.21 0.53 9.02
N TYR A 299 16.27 0.90 9.89
CA TYR A 299 16.16 2.25 10.44
C TYR A 299 16.63 2.32 11.89
N GLY A 300 17.25 1.26 12.39
CA GLY A 300 17.82 1.29 13.72
C GLY A 300 16.83 1.01 14.84
N PHE A 301 15.74 0.30 14.54
CA PHE A 301 14.73 -0.01 15.53
C PHE A 301 14.34 -1.48 15.45
N THR A 302 13.70 -1.95 16.51
CA THR A 302 13.14 -3.30 16.54
C THR A 302 12.01 -3.34 17.57
N HIS A 303 11.08 -4.28 17.38
CA HIS A 303 10.05 -4.47 18.40
C HIS A 303 10.67 -5.02 19.66
N LYS A 304 10.13 -4.59 20.80
CA LYS A 304 10.68 -5.08 22.06
C LYS A 304 10.56 -6.59 22.17
N SER A 305 9.55 -7.17 21.52
CA SER A 305 9.38 -8.60 21.44
C SER A 305 8.36 -8.83 20.34
N LEU A 306 8.14 -10.10 19.97
CA LEU A 306 7.18 -10.36 18.91
C LEU A 306 5.75 -10.10 19.33
N GLY A 307 5.47 -10.00 20.61
CA GLY A 307 4.17 -9.65 21.12
C GLY A 307 3.96 -8.21 21.55
N SER A 308 4.87 -7.30 21.23
CA SER A 308 4.77 -5.91 21.67
C SER A 308 4.70 -4.95 20.49
N ARG A 309 3.81 -3.96 20.58
CA ARG A 309 3.73 -2.90 19.59
C ARG A 309 4.82 -1.86 19.77
N ARG A 310 5.46 -1.84 20.93
CA ARG A 310 6.49 -0.86 21.20
C ARG A 310 7.80 -1.25 20.55
N VAL A 311 8.56 -0.24 20.15
CA VAL A 311 9.85 -0.43 19.50
C VAL A 311 10.94 0.21 20.34
N LYS A 312 12.17 -0.24 20.11
CA LYS A 312 13.33 0.27 20.81
C LYS A 312 14.48 0.40 19.82
N PRO A 313 15.42 1.31 20.08
CA PRO A 313 16.58 1.42 19.21
C PRO A 313 17.41 0.16 19.25
N THR A 314 18.02 -0.17 18.12
CA THR A 314 19.04 -1.19 18.05
C THR A 314 20.45 -0.61 18.11
N ARG A 315 20.59 0.71 18.00
CA ARG A 315 21.90 1.34 17.94
C ARG A 315 21.71 2.82 18.26
N ASN A 316 22.80 3.47 18.63
CA ASN A 316 22.72 4.90 18.91
C ASN A 316 22.54 5.68 17.61
N GLN A 317 21.93 6.85 17.71
CA GLN A 317 21.91 7.77 16.59
C GLN A 317 23.33 8.25 16.31
N THR A 318 23.57 8.62 15.05
CA THR A 318 24.89 9.04 14.61
C THR A 318 24.76 10.22 13.65
N ASP A 319 25.82 11.02 13.59
CA ASP A 319 25.91 12.12 12.66
C ASP A 319 26.54 11.71 11.33
N ARG A 320 26.74 10.41 11.11
CA ARG A 320 27.23 9.88 9.84
C ARG A 320 26.32 8.73 9.43
N PRO A 321 25.06 9.02 9.09
CA PRO A 321 24.10 7.95 8.83
C PRO A 321 24.41 7.13 7.59
N LEU A 322 25.35 7.56 6.75
CA LEU A 322 25.64 6.89 5.48
C LEU A 322 26.93 6.08 5.52
N ASP A 323 27.55 5.93 6.69
CA ASP A 323 28.81 5.20 6.79
C ASP A 323 28.63 3.71 6.92
N ALA A 324 27.49 3.26 7.45
CA ALA A 324 27.26 1.84 7.68
C ALA A 324 26.79 1.12 6.42
N LYS A 325 25.46 1.05 6.22
CA LYS A 325 24.78 0.16 5.28
C LYS A 325 24.08 -0.93 6.08
N ASP A 326 22.78 -1.10 5.88
CA ASP A 326 22.04 -2.03 6.72
C ASP A 326 22.54 -3.46 6.48
N GLU A 327 22.34 -4.30 7.51
CA GLU A 327 22.93 -5.63 7.53
C GLU A 327 22.60 -6.43 6.28
N PHE A 328 21.35 -6.35 5.80
CA PHE A 328 20.90 -7.18 4.69
C PHE A 328 20.73 -6.42 3.38
N GLY A 329 21.24 -5.19 3.30
CA GLY A 329 21.22 -4.45 2.05
C GLY A 329 19.84 -4.20 1.49
N LEU A 330 18.86 -3.98 2.35
CA LEU A 330 17.50 -3.74 1.90
C LEU A 330 17.18 -2.27 1.68
N LEU A 331 18.00 -1.36 2.22
CA LEU A 331 17.76 0.05 1.95
C LEU A 331 18.01 0.38 0.48
N HIS A 332 19.06 -0.22 -0.11
CA HIS A 332 19.43 0.02 -1.49
C HIS A 332 19.78 -1.32 -2.14
N PRO A 333 18.77 -2.14 -2.42
CA PRO A 333 19.03 -3.47 -2.96
C PRO A 333 19.06 -3.45 -4.48
N PRO A 334 19.71 -4.43 -5.12
CA PRO A 334 19.71 -4.47 -6.58
C PRO A 334 18.33 -4.60 -7.22
N PHE A 335 17.30 -5.04 -6.48
CA PHE A 335 15.98 -5.18 -7.09
C PHE A 335 15.40 -3.84 -7.50
N LYS A 336 15.86 -2.74 -6.92
CA LYS A 336 15.38 -1.40 -7.24
C LYS A 336 16.38 -0.56 -8.02
N ALA A 337 17.63 -1.01 -8.13
CA ALA A 337 18.66 -0.25 -8.83
C ALA A 337 18.26 0.03 -10.27
N PRO B 1 17.68 19.78 26.91
CA PRO B 1 16.55 20.05 26.01
C PRO B 1 16.31 18.94 25.00
N TYR B 2 15.07 18.80 24.54
CA TYR B 2 14.76 17.78 23.56
C TYR B 2 15.60 17.99 22.30
N SER B 3 16.00 16.88 21.69
CA SER B 3 16.74 16.91 20.42
C SER B 3 16.27 15.76 19.55
N LEU B 4 16.01 16.05 18.28
CA LEU B 4 15.67 15.03 17.31
C LEU B 4 16.84 14.09 17.04
N GLY B 5 18.07 14.50 17.33
CA GLY B 5 19.21 13.65 17.14
C GLY B 5 20.48 14.45 17.03
N PRO B 6 21.63 13.76 17.01
CA PRO B 6 22.91 14.47 16.95
C PRO B 6 22.97 15.38 15.73
N LYS B 7 23.59 16.55 15.92
CA LYS B 7 23.61 17.56 14.88
C LYS B 7 24.42 17.12 13.68
N ILE B 8 23.80 17.18 12.50
CA ILE B 8 24.47 17.01 11.22
C ILE B 8 24.52 18.37 10.55
N SER B 9 25.72 18.79 10.12
CA SER B 9 25.88 20.10 9.51
C SER B 9 26.30 20.05 8.04
N ASP B 10 26.63 18.87 7.52
CA ASP B 10 27.14 18.73 6.17
C ASP B 10 26.32 17.74 5.37
N TRP B 11 25.01 17.68 5.64
CA TRP B 11 24.17 16.66 4.99
C TRP B 11 24.16 16.84 3.48
N ASP B 12 24.20 18.09 3.01
CA ASP B 12 24.21 18.29 1.56
C ASP B 12 25.45 17.67 0.92
N GLU B 13 26.62 17.83 1.56
CA GLU B 13 27.85 17.23 1.06
C GLU B 13 27.78 15.70 1.15
N GLN B 14 27.23 15.18 2.25
CA GLN B 14 27.11 13.74 2.40
C GLN B 14 26.26 13.14 1.29
N ARG B 15 25.11 13.76 1.00
CA ARG B 15 24.23 13.26 -0.06
C ARG B 15 24.90 13.35 -1.41
N ARG B 16 25.56 14.48 -1.68
CA ARG B 16 26.29 14.65 -2.93
C ARG B 16 27.26 13.49 -3.13
N ASP B 17 28.08 13.21 -2.10
CA ASP B 17 29.06 12.14 -2.20
C ASP B 17 28.38 10.80 -2.41
N TRP B 18 27.28 10.54 -1.67
CA TRP B 18 26.60 9.26 -1.79
C TRP B 18 26.01 9.08 -3.19
N LEU B 19 25.36 10.13 -3.72
CA LEU B 19 24.73 10.01 -5.03
C LEU B 19 25.76 9.73 -6.12
N LYS B 20 26.92 10.38 -6.05
CA LYS B 20 27.96 10.12 -7.04
C LYS B 20 28.46 8.68 -6.95
N GLN B 21 28.55 8.14 -5.73
CA GLN B 21 29.04 6.79 -5.56
C GLN B 21 28.00 5.72 -5.86
N ASN B 22 26.72 6.10 -5.93
CA ASN B 22 25.62 5.14 -6.15
C ASN B 22 24.76 5.60 -7.32
N PRO B 23 25.33 5.69 -8.51
CA PRO B 23 24.57 6.20 -9.66
C PRO B 23 23.38 5.34 -10.03
N SER B 24 23.30 4.11 -9.52
CA SER B 24 22.10 3.30 -9.74
C SER B 24 20.89 3.84 -8.98
N PHE B 25 21.07 4.81 -8.09
CA PHE B 25 19.99 5.36 -7.28
C PHE B 25 19.99 6.88 -7.44
N PRO B 26 19.64 7.36 -8.63
CA PRO B 26 19.60 8.80 -8.85
C PRO B 26 18.47 9.45 -8.06
N ASN B 27 18.67 10.72 -7.72
CA ASN B 27 17.66 11.47 -6.97
C ASN B 27 16.60 12.09 -7.86
N PHE B 28 16.81 12.11 -9.18
CA PHE B 28 15.77 12.43 -10.15
C PHE B 28 15.58 11.20 -11.04
N VAL B 29 14.35 10.69 -11.08
CA VAL B 29 14.04 9.51 -11.86
C VAL B 29 13.81 9.84 -13.33
N ALA B 30 13.57 11.10 -13.64
CA ALA B 30 13.44 11.59 -15.01
C ALA B 30 13.91 13.02 -15.03
N PRO B 31 14.22 13.57 -16.22
CA PRO B 31 14.81 14.92 -16.30
C PRO B 31 14.32 15.93 -15.26
N ASN B 32 13.00 16.07 -15.10
CA ASN B 32 12.45 17.04 -14.14
C ASN B 32 11.49 16.38 -13.14
N LYS B 33 11.70 15.09 -12.87
CA LYS B 33 10.83 14.34 -11.95
C LYS B 33 11.68 13.90 -10.76
N PRO B 34 11.57 14.56 -9.61
CA PRO B 34 12.35 14.11 -8.45
C PRO B 34 11.86 12.75 -7.98
N ARG B 35 12.77 12.01 -7.34
CA ARG B 35 12.36 10.78 -6.66
C ARG B 35 11.63 11.16 -5.38
N VAL B 36 10.42 10.64 -5.20
CA VAL B 36 9.53 11.01 -4.11
C VAL B 36 9.15 9.77 -3.30
N LEU B 37 9.16 9.92 -1.97
CA LEU B 37 8.62 8.93 -1.06
C LEU B 37 7.42 9.55 -0.35
N LEU B 38 6.24 8.93 -0.51
CA LEU B 38 5.05 9.36 0.24
C LEU B 38 5.03 8.61 1.56
N VAL B 39 4.82 9.35 2.64
CA VAL B 39 4.88 8.81 3.99
C VAL B 39 3.55 9.08 4.65
N THR B 40 2.99 8.05 5.27
CA THR B 40 1.76 8.17 6.02
C THR B 40 1.87 7.23 7.22
N GLY B 41 0.82 7.16 8.01
CA GLY B 41 0.87 6.25 9.14
C GLY B 41 -0.36 6.35 10.01
N SER B 42 -0.38 5.47 11.00
CA SER B 42 -1.45 5.45 11.98
C SER B 42 -0.94 4.75 13.24
N ALA B 43 -1.70 4.92 14.31
CA ALA B 43 -1.28 4.40 15.59
C ALA B 43 -1.27 2.87 15.55
N PRO B 44 -0.33 2.23 16.26
CA PRO B 44 -0.22 0.78 16.14
C PRO B 44 -1.39 0.01 16.73
N LYS B 45 -2.16 0.58 17.59
CA LYS B 45 -3.18 -0.26 18.21
C LYS B 45 -4.47 -0.19 17.41
N PRO B 46 -5.35 -1.18 17.58
CA PRO B 46 -6.68 -1.10 16.96
C PRO B 46 -7.42 0.15 17.39
N CYS B 47 -8.26 0.66 16.48
CA CYS B 47 -9.05 1.84 16.78
C CYS B 47 -10.02 1.55 17.92
N GLU B 48 -10.15 2.50 18.85
CA GLU B 48 -11.14 2.37 19.91
C GLU B 48 -12.54 2.22 19.33
N ASN B 49 -12.84 2.92 18.23
CA ASN B 49 -14.04 2.70 17.45
C ASN B 49 -13.64 1.78 16.31
N PRO B 50 -14.00 0.49 16.33
CA PRO B 50 -13.34 -0.46 15.43
C PRO B 50 -13.49 -0.12 13.96
N VAL B 51 -14.62 0.47 13.55
CA VAL B 51 -14.82 0.78 12.14
C VAL B 51 -13.79 1.77 11.63
N GLY B 52 -13.14 2.52 12.53
CA GLY B 52 -12.07 3.42 12.11
C GLY B 52 -10.99 2.71 11.31
N ASP B 53 -10.70 1.45 11.65
CA ASP B 53 -9.67 0.73 10.92
C ASP B 53 -10.10 0.45 9.49
N HIS B 54 -11.40 0.24 9.25
CA HIS B 54 -11.87 0.08 7.88
C HIS B 54 -11.60 1.33 7.06
N TYR B 55 -11.80 2.50 7.66
CA TYR B 55 -11.55 3.75 6.95
C TYR B 55 -10.06 3.98 6.74
N LEU B 56 -9.21 3.54 7.68
CA LEU B 56 -7.77 3.58 7.44
C LEU B 56 -7.39 2.68 6.26
N LEU B 57 -8.06 1.53 6.14
CA LEU B 57 -7.77 0.61 5.04
C LEU B 57 -8.18 1.22 3.70
N LYS B 58 -9.36 1.82 3.64
CA LYS B 58 -9.78 2.50 2.41
C LYS B 58 -8.80 3.62 2.07
N SER B 59 -8.33 4.35 3.09
N SER B 59 -8.30 4.32 3.08
CA SER B 59 -7.39 5.44 2.86
CA SER B 59 -7.39 5.44 2.84
C SER B 59 -6.09 4.94 2.24
C SER B 59 -6.05 4.98 2.28
N ILE B 60 -5.54 3.84 2.75
CA ILE B 60 -4.27 3.37 2.19
C ILE B 60 -4.47 2.78 0.80
N LYS B 61 -5.61 2.12 0.54
CA LYS B 61 -5.89 1.68 -0.83
C LYS B 61 -5.84 2.87 -1.78
N ASN B 62 -6.49 3.97 -1.40
CA ASN B 62 -6.53 5.17 -2.22
C ASN B 62 -5.13 5.68 -2.52
N LYS B 63 -4.25 5.70 -1.51
CA LYS B 63 -2.89 6.18 -1.73
C LYS B 63 -2.08 5.19 -2.58
N ILE B 64 -2.30 3.90 -2.39
CA ILE B 64 -1.64 2.91 -3.24
C ILE B 64 -1.97 3.18 -4.70
N ASP B 65 -3.23 3.47 -4.99
CA ASP B 65 -3.63 3.70 -6.37
C ASP B 65 -2.96 4.95 -6.96
N TYR B 66 -3.05 6.08 -6.25
CA TYR B 66 -2.42 7.29 -6.76
C TYR B 66 -0.92 7.07 -6.98
N CYS B 67 -0.25 6.46 -5.99
CA CYS B 67 1.19 6.32 -6.06
C CYS B 67 1.62 5.30 -7.12
N ARG B 68 0.82 4.24 -7.35
CA ARG B 68 1.11 3.32 -8.44
C ARG B 68 1.07 4.05 -9.78
N ILE B 69 0.03 4.85 -10.00
CA ILE B 69 -0.09 5.59 -11.25
C ILE B 69 1.05 6.58 -11.43
N HIS B 70 1.43 7.28 -10.36
CA HIS B 70 2.36 8.40 -10.46
C HIS B 70 3.81 8.04 -10.15
N GLY B 71 4.09 6.77 -9.90
CA GLY B 71 5.46 6.32 -9.68
C GLY B 71 6.10 6.82 -8.41
N ILE B 72 5.37 6.77 -7.30
CA ILE B 72 5.82 7.24 -6.00
C ILE B 72 5.81 6.07 -5.05
N GLU B 73 6.90 5.89 -4.30
N GLU B 73 6.90 5.89 -4.30
CA GLU B 73 6.96 4.82 -3.31
CA GLU B 73 6.95 4.81 -3.31
C GLU B 73 6.21 5.27 -2.06
C GLU B 73 6.24 5.26 -2.04
N ILE B 74 5.75 4.28 -1.27
CA ILE B 74 4.99 4.54 -0.05
C ILE B 74 5.68 3.91 1.15
N PHE B 75 5.72 4.65 2.25
CA PHE B 75 6.11 4.13 3.55
C PHE B 75 4.93 4.35 4.50
N TYR B 76 4.50 3.29 5.19
CA TYR B 76 3.36 3.36 6.11
C TYR B 76 3.87 3.07 7.52
N ASN B 77 3.94 4.10 8.34
CA ASN B 77 4.50 3.94 9.67
C ASN B 77 3.43 3.54 10.69
N MET B 78 3.79 2.57 11.55
CA MET B 78 2.97 2.23 12.71
C MET B 78 3.77 2.20 14.01
N ALA B 79 4.92 2.85 14.06
CA ALA B 79 5.80 2.77 15.22
C ALA B 79 6.00 4.15 15.82
N LEU B 80 5.96 4.23 17.15
CA LEU B 80 6.29 5.46 17.86
C LEU B 80 7.78 5.43 18.14
N LEU B 81 8.54 6.28 17.44
CA LEU B 81 9.98 6.26 17.57
C LEU B 81 10.46 7.06 18.76
N ASP B 82 9.61 7.91 19.32
CA ASP B 82 10.01 8.85 20.36
C ASP B 82 8.80 9.10 21.24
N ALA B 83 8.89 8.69 22.51
CA ALA B 83 7.76 8.82 23.42
C ALA B 83 7.40 10.28 23.68
N GLU B 84 8.36 11.20 23.57
CA GLU B 84 8.07 12.61 23.83
C GLU B 84 7.26 13.24 22.70
N MET B 85 7.41 12.73 21.48
CA MET B 85 6.74 13.32 20.32
C MET B 85 5.57 12.43 19.92
N ALA B 86 4.61 12.39 20.83
CA ALA B 86 3.41 11.59 20.65
C ALA B 86 2.43 12.29 19.72
N GLY B 87 1.49 11.50 19.21
CA GLY B 87 0.42 12.07 18.41
C GLY B 87 0.94 12.61 17.10
N PHE B 88 0.36 13.72 16.65
N PHE B 88 0.33 13.70 16.64
CA PHE B 88 0.72 14.25 15.36
CA PHE B 88 0.71 14.28 15.36
C PHE B 88 2.15 14.78 15.32
C PHE B 88 2.16 14.73 15.34
N TRP B 89 2.76 15.02 16.49
CA TRP B 89 4.16 15.40 16.53
C TRP B 89 5.08 14.25 16.13
N ALA B 90 4.56 13.02 16.09
CA ALA B 90 5.37 11.85 15.77
C ALA B 90 5.92 11.88 14.35
N LYS B 91 5.33 12.67 13.46
CA LYS B 91 5.86 12.73 12.10
C LYS B 91 7.24 13.35 12.05
N LEU B 92 7.61 14.20 13.02
CA LEU B 92 8.93 14.86 12.95
C LEU B 92 10.07 13.87 13.08
N PRO B 93 10.17 13.06 14.14
CA PRO B 93 11.22 12.03 14.17
C PRO B 93 11.16 11.05 13.02
N LEU B 94 9.95 10.68 12.56
CA LEU B 94 9.85 9.76 11.44
C LEU B 94 10.45 10.36 10.18
N ILE B 95 10.06 11.59 9.86
CA ILE B 95 10.55 12.27 8.65
C ILE B 95 12.07 12.38 8.68
N ARG B 96 12.63 12.79 9.81
CA ARG B 96 14.09 12.89 9.91
C ARG B 96 14.74 11.54 9.63
N LYS B 97 14.22 10.48 10.25
CA LYS B 97 14.80 9.16 10.06
C LYS B 97 14.77 8.75 8.60
N LEU B 98 13.64 9.00 7.92
CA LEU B 98 13.52 8.56 6.54
C LEU B 98 14.43 9.36 5.62
N LEU B 99 14.53 10.68 5.83
CA LEU B 99 15.44 11.49 5.03
C LEU B 99 16.87 11.00 5.17
N LEU B 100 17.32 10.74 6.40
CA LEU B 100 18.69 10.33 6.62
C LEU B 100 18.96 8.91 6.15
N SER B 101 17.94 8.05 6.09
CA SER B 101 18.11 6.67 5.66
C SER B 101 17.99 6.50 4.15
N HIS B 102 17.41 7.47 3.45
CA HIS B 102 17.13 7.38 2.02
C HIS B 102 17.71 8.59 1.31
N PRO B 103 19.04 8.69 1.22
CA PRO B 103 19.64 9.81 0.50
C PRO B 103 19.19 9.93 -0.94
N GLU B 104 18.69 8.84 -1.53
CA GLU B 104 18.27 8.87 -2.92
C GLU B 104 16.93 9.58 -3.12
N ILE B 105 16.16 9.77 -2.07
CA ILE B 105 14.89 10.48 -2.17
C ILE B 105 15.19 11.97 -2.20
N GLU B 106 14.57 12.68 -3.14
CA GLU B 106 14.72 14.12 -3.23
C GLU B 106 13.63 14.86 -2.45
N PHE B 107 12.39 14.35 -2.51
CA PHE B 107 11.27 14.92 -1.76
C PHE B 107 10.57 13.83 -0.98
N LEU B 108 10.27 14.15 0.28
CA LEU B 108 9.39 13.34 1.11
C LEU B 108 8.04 14.04 1.13
N TRP B 109 6.98 13.29 0.79
CA TRP B 109 5.62 13.82 0.76
C TRP B 109 4.90 13.21 1.96
N TRP B 110 4.79 13.99 3.04
CA TRP B 110 4.00 13.57 4.20
C TRP B 110 2.53 13.75 3.90
N MET B 111 1.73 12.72 4.15
CA MET B 111 0.30 12.80 3.91
C MET B 111 -0.45 12.06 5.01
N ASP B 112 -1.33 12.76 5.71
CA ASP B 112 -2.11 12.20 6.81
C ASP B 112 -3.01 11.07 6.31
N SER B 113 -3.32 10.14 7.22
CA SER B 113 -4.24 9.06 6.90
C SER B 113 -5.65 9.56 6.56
N ASP B 114 -6.05 10.72 7.08
CA ASP B 114 -7.38 11.28 6.79
C ASP B 114 -7.37 12.20 5.56
N ALA B 115 -6.29 12.21 4.79
CA ALA B 115 -6.23 12.93 3.53
C ALA B 115 -6.30 11.92 2.39
N MET B 116 -7.24 12.14 1.47
CA MET B 116 -7.55 11.21 0.40
C MET B 116 -7.28 11.87 -0.95
N PHE B 117 -6.73 11.11 -1.89
CA PHE B 117 -6.53 11.62 -3.24
C PHE B 117 -7.85 11.57 -3.98
N THR B 118 -8.31 12.71 -4.46
CA THR B 118 -9.52 12.74 -5.25
C THR B 118 -9.31 13.17 -6.70
N ASP B 119 -8.09 13.53 -7.10
CA ASP B 119 -7.75 13.70 -8.52
C ASP B 119 -6.62 12.71 -8.82
N MET B 120 -6.94 11.61 -9.50
CA MET B 120 -5.93 10.60 -9.83
C MET B 120 -5.11 10.96 -11.05
N VAL B 121 -5.51 11.98 -11.80
CA VAL B 121 -4.80 12.37 -13.02
C VAL B 121 -3.72 13.40 -12.73
N PHE B 122 -4.02 14.35 -11.85
CA PHE B 122 -3.15 15.50 -11.61
C PHE B 122 -1.80 15.06 -11.05
N GLU B 123 -0.74 15.56 -11.66
CA GLU B 123 0.63 15.36 -11.21
C GLU B 123 1.18 16.66 -10.62
N LEU B 124 1.90 16.56 -9.51
CA LEU B 124 2.42 17.79 -8.91
C LEU B 124 3.31 18.52 -9.90
N PRO B 125 3.30 19.85 -9.90
CA PRO B 125 4.14 20.64 -10.81
C PRO B 125 5.56 20.81 -10.25
N TRP B 126 6.34 19.72 -10.32
CA TRP B 126 7.62 19.66 -9.63
C TRP B 126 8.53 20.81 -10.01
N GLU B 127 8.56 21.21 -11.29
CA GLU B 127 9.45 22.28 -11.74
C GLU B 127 9.12 23.62 -11.05
N ARG B 128 7.87 23.79 -10.61
CA ARG B 128 7.50 24.99 -9.89
C ARG B 128 8.29 25.11 -8.58
N TYR B 129 8.74 23.99 -8.03
CA TYR B 129 9.33 23.95 -6.71
C TYR B 129 10.85 23.74 -6.76
N LYS B 130 11.45 23.92 -7.93
CA LYS B 130 12.87 23.57 -8.07
C LYS B 130 13.76 24.39 -7.15
N ASP B 131 13.34 25.58 -6.74
CA ASP B 131 14.14 26.45 -5.88
C ASP B 131 13.62 26.50 -4.45
N TYR B 132 12.79 25.54 -4.05
CA TYR B 132 12.14 25.55 -2.74
C TYR B 132 12.38 24.23 -2.03
N ASN B 133 12.29 24.27 -0.70
CA ASN B 133 12.54 23.08 0.12
C ASN B 133 11.33 22.59 0.91
N LEU B 134 10.29 23.40 1.08
CA LEU B 134 9.09 22.99 1.80
C LEU B 134 7.90 23.57 1.05
N VAL B 135 6.95 22.69 0.69
CA VAL B 135 5.75 23.09 -0.04
C VAL B 135 4.56 22.66 0.79
N MET B 136 3.70 23.62 1.14
CA MET B 136 2.49 23.37 1.90
C MET B 136 1.36 24.15 1.26
N HIS B 137 0.16 23.62 1.37
CA HIS B 137 -1.01 24.40 0.98
C HIS B 137 -1.19 25.55 1.96
N GLY B 138 -1.41 26.75 1.44
CA GLY B 138 -1.65 27.90 2.31
C GLY B 138 -1.51 29.19 1.53
N TRP B 139 -1.49 30.29 2.29
CA TRP B 139 -1.50 31.64 1.73
C TRP B 139 -0.51 32.50 2.50
N ASN B 140 0.35 33.21 1.78
CA ASN B 140 1.32 34.09 2.42
C ASN B 140 0.65 35.08 3.36
N GLU B 141 -0.44 35.71 2.89
CA GLU B 141 -1.10 36.71 3.72
C GLU B 141 -1.68 36.11 5.00
N MET B 142 -2.12 34.85 4.96
CA MET B 142 -2.72 34.24 6.14
C MET B 142 -1.67 33.86 7.16
N VAL B 143 -0.48 33.48 6.71
CA VAL B 143 0.56 33.00 7.59
C VAL B 143 1.37 34.17 8.13
N TYR B 144 1.92 34.98 7.23
CA TYR B 144 2.90 35.99 7.64
C TYR B 144 2.25 37.27 8.16
N ASP B 145 1.08 37.62 7.64
CA ASP B 145 0.42 38.86 7.98
C ASP B 145 -0.68 38.66 9.01
N GLN B 146 -1.61 37.74 8.77
CA GLN B 146 -2.69 37.45 9.72
C GLN B 146 -2.24 36.56 10.85
N LYS B 147 -1.19 35.76 10.65
CA LYS B 147 -0.75 34.78 11.64
C LYS B 147 -1.90 33.87 12.04
N ASN B 148 -2.69 33.50 11.05
CA ASN B 148 -3.84 32.65 11.29
C ASN B 148 -3.41 31.19 11.42
N TRP B 149 -3.95 30.51 12.44
CA TRP B 149 -3.51 29.14 12.72
C TRP B 149 -3.86 28.17 11.61
N ILE B 150 -4.78 28.52 10.71
CA ILE B 150 -5.08 27.64 9.56
C ILE B 150 -4.64 28.30 8.25
N GLY B 151 -3.65 29.18 8.32
CA GLY B 151 -3.08 29.79 7.13
C GLY B 151 -2.26 28.85 6.27
N LEU B 152 -1.88 27.71 6.82
CA LEU B 152 -1.25 26.62 6.08
C LEU B 152 -1.72 25.29 6.68
N ASN B 153 -1.37 24.20 6.01
CA ASN B 153 -1.76 22.87 6.47
C ASN B 153 -0.55 21.95 6.46
N THR B 154 -0.36 21.19 7.54
CA THR B 154 0.76 20.26 7.63
C THR B 154 0.32 18.81 7.49
N GLY B 155 -0.87 18.55 6.93
CA GLY B 155 -1.32 17.20 6.69
C GLY B 155 -1.00 16.66 5.32
N SER B 156 -0.45 17.50 4.46
CA SER B 156 -0.01 17.10 3.12
C SER B 156 1.06 18.09 2.69
N PHE B 157 2.32 17.68 2.69
CA PHE B 157 3.37 18.64 2.36
C PHE B 157 4.59 17.92 1.80
N LEU B 158 5.40 18.68 1.06
CA LEU B 158 6.61 18.17 0.44
C LEU B 158 7.80 18.78 1.17
N LEU B 159 8.77 17.94 1.52
CA LEU B 159 9.98 18.41 2.19
C LEU B 159 11.18 17.85 1.46
N ARG B 160 12.05 18.73 0.98
CA ARG B 160 13.23 18.30 0.24
C ARG B 160 14.24 17.64 1.18
N ASN B 161 14.92 16.63 0.67
CA ASN B 161 15.99 15.99 1.43
C ASN B 161 17.21 16.90 1.37
N SER B 162 17.46 17.66 2.43
CA SER B 162 18.50 18.68 2.41
C SER B 162 18.87 19.06 3.83
N GLN B 163 20.03 19.72 3.95
CA GLN B 163 20.46 20.25 5.24
C GLN B 163 19.45 21.27 5.77
N TRP B 164 18.96 22.13 4.89
CA TRP B 164 17.93 23.10 5.27
C TRP B 164 16.78 22.40 5.99
N SER B 165 16.34 21.26 5.45
CA SER B 165 15.19 20.58 6.04
C SER B 165 15.53 19.95 7.39
N LEU B 166 16.75 19.44 7.57
CA LEU B 166 17.16 18.98 8.88
C LEU B 166 17.09 20.13 9.88
N ASP B 167 17.56 21.30 9.47
CA ASP B 167 17.54 22.46 10.34
C ASP B 167 16.12 22.90 10.63
N LEU B 168 15.23 22.83 9.62
CA LEU B 168 13.83 23.16 9.82
C LEU B 168 13.19 22.25 10.86
N LEU B 169 13.44 20.94 10.73
CA LEU B 169 12.88 20.01 11.71
C LEU B 169 13.34 20.36 13.12
N ASP B 170 14.63 20.70 13.29
CA ASP B 170 15.14 21.09 14.59
C ASP B 170 14.40 22.32 15.12
N ALA B 171 14.10 23.28 14.25
CA ALA B 171 13.43 24.52 14.67
C ALA B 171 11.94 24.33 14.91
N TRP B 172 11.34 23.31 14.30
CA TRP B 172 9.92 23.03 14.42
C TRP B 172 9.59 22.23 15.67
N ALA B 173 10.52 21.37 16.11
CA ALA B 173 10.28 20.42 17.20
C ALA B 173 10.09 21.00 18.60
N PRO B 174 10.67 22.16 18.94
CA PRO B 174 10.75 22.55 20.37
C PRO B 174 9.43 22.64 21.11
N MET B 175 8.32 22.97 20.44
CA MET B 175 7.03 23.03 21.12
C MET B 175 6.37 21.67 21.27
N GLY B 176 7.02 20.60 20.80
CA GLY B 176 6.38 19.30 20.70
C GLY B 176 6.41 18.38 21.91
N PRO B 177 7.49 18.38 22.68
CA PRO B 177 7.60 17.40 23.79
C PRO B 177 6.38 17.39 24.68
N LYS B 178 5.81 16.20 24.87
CA LYS B 178 4.54 16.06 25.57
C LYS B 178 4.67 16.54 27.02
N GLY B 179 3.57 17.05 27.55
CA GLY B 179 3.55 17.51 28.92
C GLY B 179 3.63 19.02 29.04
N LYS B 180 4.40 19.49 30.03
CA LYS B 180 4.41 20.92 30.34
C LYS B 180 4.90 21.76 29.15
N ILE B 181 5.88 21.27 28.40
CA ILE B 181 6.40 22.06 27.28
C ILE B 181 5.30 22.30 26.24
N ARG B 182 4.63 21.22 25.83
CA ARG B 182 3.58 21.33 24.82
C ARG B 182 2.39 22.12 25.36
N GLU B 183 2.07 21.97 26.64
CA GLU B 183 0.95 22.72 27.20
C GLU B 183 1.25 24.21 27.25
N GLU B 184 2.45 24.59 27.68
CA GLU B 184 2.80 26.00 27.77
C GLU B 184 2.95 26.62 26.38
N ALA B 185 3.50 25.87 25.44
CA ALA B 185 3.59 26.34 24.07
C ALA B 185 2.20 26.61 23.50
N GLY B 186 1.22 25.78 23.85
CA GLY B 186 -0.14 25.99 23.38
C GLY B 186 -0.72 27.31 23.84
N LYS B 187 -0.39 27.72 25.07
CA LYS B 187 -0.85 29.02 25.55
C LYS B 187 -0.24 30.15 24.73
N VAL B 188 1.06 30.04 24.41
CA VAL B 188 1.70 31.05 23.57
C VAL B 188 1.07 31.10 22.19
N LEU B 189 0.84 29.91 21.59
CA LEU B 189 0.27 29.85 20.24
C LEU B 189 -1.12 30.46 20.20
N THR B 190 -1.95 30.16 21.20
CA THR B 190 -3.29 30.70 21.22
C THR B 190 -3.27 32.20 21.40
N ARG B 191 -2.29 32.72 22.14
CA ARG B 191 -2.19 34.16 22.32
C ARG B 191 -1.72 34.85 21.04
N GLU B 192 -0.78 34.24 20.32
CA GLU B 192 -0.11 34.92 19.23
C GLU B 192 -0.71 34.67 17.86
N LEU B 193 -1.44 33.56 17.68
CA LEU B 193 -2.02 33.21 16.39
C LEU B 193 -3.50 33.56 16.35
N LYS B 194 -3.95 34.04 15.20
CA LYS B 194 -5.34 34.43 15.04
C LYS B 194 -6.22 33.20 14.88
N ASP B 195 -7.37 33.22 15.57
CA ASP B 195 -8.45 32.25 15.46
C ASP B 195 -8.16 30.92 16.15
N ARG B 196 -7.04 30.78 16.85
CA ARG B 196 -6.68 29.49 17.43
C ARG B 196 -7.47 29.24 18.71
N PRO B 197 -8.12 28.09 18.85
CA PRO B 197 -8.72 27.75 20.14
C PRO B 197 -7.65 27.41 21.16
N ALA B 198 -8.10 27.22 22.41
CA ALA B 198 -7.20 26.94 23.51
C ALA B 198 -6.95 25.44 23.56
N PHE B 199 -5.72 25.02 23.26
CA PHE B 199 -5.32 23.62 23.42
C PHE B 199 -3.80 23.55 23.33
N GLU B 200 -3.26 22.40 23.73
CA GLU B 200 -1.82 22.22 23.70
C GLU B 200 -1.28 22.38 22.29
N ALA B 201 0.02 22.66 22.21
CA ALA B 201 0.64 22.96 20.93
C ALA B 201 0.50 21.81 19.94
N ASP B 202 0.16 22.14 18.70
CA ASP B 202 0.09 21.20 17.60
C ASP B 202 1.09 21.61 16.53
N ASP B 203 1.47 20.65 15.69
CA ASP B 203 2.55 20.89 14.74
C ASP B 203 2.17 21.94 13.69
N GLN B 204 0.88 22.02 13.31
CA GLN B 204 0.48 22.99 12.30
C GLN B 204 0.61 24.41 12.85
N SER B 205 0.04 24.67 14.02
CA SER B 205 0.19 25.98 14.65
C SER B 205 1.66 26.32 14.86
N ALA B 206 2.45 25.34 15.29
CA ALA B 206 3.87 25.61 15.54
C ALA B 206 4.59 26.02 14.26
N MET B 207 4.17 25.48 13.11
CA MET B 207 4.77 25.87 11.84
C MET B 207 4.35 27.28 11.45
N VAL B 208 3.07 27.62 11.60
CA VAL B 208 2.64 29.00 11.37
C VAL B 208 3.49 29.95 12.20
N TYR B 209 3.64 29.64 13.50
CA TYR B 209 4.37 30.52 14.40
C TYR B 209 5.84 30.61 14.03
N LEU B 210 6.47 29.48 13.67
CA LEU B 210 7.86 29.52 13.21
C LEU B 210 8.02 30.44 12.01
N LEU B 211 7.18 30.28 11.00
CA LEU B 211 7.33 31.07 9.78
C LEU B 211 7.00 32.54 10.01
N ALA B 212 5.99 32.82 10.85
CA ALA B 212 5.59 34.20 11.11
C ALA B 212 6.63 34.94 11.93
N THR B 213 7.33 34.24 12.84
CA THR B 213 8.33 34.89 13.68
C THR B 213 9.74 34.85 13.11
N GLU B 214 10.03 33.92 12.21
CA GLU B 214 11.36 33.74 11.65
C GLU B 214 11.30 33.74 10.13
N ARG B 215 10.53 34.66 9.54
CA ARG B 215 10.35 34.65 8.09
C ARG B 215 11.66 34.88 7.35
N GLU B 216 12.48 35.81 7.82
CA GLU B 216 13.73 36.06 7.11
C GLU B 216 14.57 34.78 7.01
N LYS B 217 14.51 33.93 8.02
CA LYS B 217 15.36 32.75 8.06
C LYS B 217 14.83 31.63 7.17
N TRP B 218 13.51 31.40 7.18
CA TRP B 218 12.92 30.23 6.55
C TRP B 218 12.07 30.52 5.32
N GLY B 219 11.47 31.71 5.23
CA GLY B 219 10.42 31.95 4.26
C GLY B 219 10.88 31.86 2.81
N GLY B 220 12.14 32.17 2.55
CA GLY B 220 12.62 32.19 1.17
C GLY B 220 12.54 30.84 0.50
N LYS B 221 12.61 29.76 1.27
CA LYS B 221 12.60 28.41 0.75
C LYS B 221 11.27 27.68 0.97
N VAL B 222 10.26 28.38 1.46
CA VAL B 222 8.93 27.82 1.66
C VAL B 222 8.03 28.31 0.55
N TYR B 223 7.30 27.39 -0.07
CA TYR B 223 6.30 27.70 -1.10
C TYR B 223 4.94 27.39 -0.52
N LEU B 224 4.17 28.43 -0.22
CA LEU B 224 2.77 28.28 0.18
C LEU B 224 1.93 28.26 -1.09
N GLU B 225 1.37 27.10 -1.39
CA GLU B 225 0.68 26.84 -2.64
C GLU B 225 -0.81 26.98 -2.43
N SER B 226 -1.47 27.77 -3.29
CA SER B 226 -2.92 27.82 -3.28
C SER B 226 -3.50 27.67 -4.69
N GLY B 227 -2.69 27.30 -5.66
CA GLY B 227 -3.19 27.08 -7.03
C GLY B 227 -3.95 25.80 -7.21
N TYR B 228 -3.73 24.83 -6.33
CA TYR B 228 -4.46 23.57 -6.35
C TYR B 228 -4.52 23.05 -4.93
N TYR B 229 -5.38 22.07 -4.70
CA TYR B 229 -5.65 21.57 -3.36
C TYR B 229 -4.66 20.45 -2.98
N LEU B 230 -3.42 20.87 -2.74
CA LEU B 230 -2.45 19.96 -2.11
C LEU B 230 -2.99 19.49 -0.76
N HIS B 231 -3.71 20.37 -0.08
CA HIS B 231 -4.66 20.03 0.97
C HIS B 231 -5.96 20.71 0.59
N GLY B 232 -7.08 20.06 0.85
CA GLY B 232 -8.37 20.63 0.58
C GLY B 232 -9.33 20.32 1.70
N TYR B 233 -9.96 21.33 2.26
CA TYR B 233 -10.84 21.10 3.40
C TYR B 233 -12.11 20.39 2.96
N TRP B 234 -12.37 19.22 3.56
CA TRP B 234 -13.51 18.40 3.15
C TRP B 234 -14.82 19.16 3.25
N GLY B 235 -14.97 20.03 4.25
CA GLY B 235 -16.24 20.63 4.56
C GLY B 235 -16.79 21.54 3.49
N ILE B 236 -15.95 22.02 2.58
CA ILE B 236 -16.39 22.83 1.45
C ILE B 236 -16.29 22.09 0.12
N LEU B 237 -15.69 20.89 0.08
CA LEU B 237 -15.47 20.18 -1.18
C LEU B 237 -16.44 19.03 -1.41
N VAL B 238 -16.74 18.22 -0.39
CA VAL B 238 -17.40 16.94 -0.65
C VAL B 238 -18.79 17.14 -1.25
N ASP B 239 -19.52 18.17 -0.81
CA ASP B 239 -20.87 18.38 -1.33
C ASP B 239 -20.87 18.74 -2.80
N ARG B 240 -19.74 19.17 -3.35
CA ARG B 240 -19.66 19.64 -4.73
C ARG B 240 -19.21 18.55 -5.71
N TYR B 241 -19.03 17.33 -5.25
CA TYR B 241 -18.54 16.27 -6.14
C TYR B 241 -19.46 16.06 -7.35
N GLU B 242 -20.77 16.06 -7.13
CA GLU B 242 -21.70 15.86 -8.26
C GLU B 242 -21.54 16.97 -9.29
N GLU B 243 -21.38 18.21 -8.82
CA GLU B 243 -21.18 19.34 -9.73
C GLU B 243 -19.89 19.19 -10.53
N MET B 244 -18.83 18.69 -9.86
CA MET B 244 -17.57 18.46 -10.55
C MET B 244 -17.71 17.40 -11.63
N ILE B 245 -18.44 16.33 -11.34
CA ILE B 245 -18.62 15.27 -12.34
C ILE B 245 -19.42 15.80 -13.52
N GLU B 246 -20.38 16.68 -13.27
CA GLU B 246 -21.22 17.19 -14.35
C GLU B 246 -20.48 18.18 -15.22
N ASN B 247 -19.65 19.04 -14.62
CA ASN B 247 -19.09 20.18 -15.33
C ASN B 247 -17.61 20.08 -15.65
N HIS B 248 -16.87 19.24 -14.92
CA HIS B 248 -15.42 19.22 -15.08
C HIS B 248 -14.91 17.82 -15.32
N LYS B 249 -13.61 17.62 -15.16
CA LYS B 249 -12.99 16.34 -15.39
C LYS B 249 -11.72 16.27 -14.56
N PRO B 250 -11.21 15.09 -14.28
CA PRO B 250 -9.98 15.00 -13.50
C PRO B 250 -8.81 15.63 -14.24
N GLY B 251 -7.88 16.16 -13.46
CA GLY B 251 -6.68 16.75 -14.00
C GLY B 251 -6.46 18.18 -13.57
N PHE B 252 -7.48 18.84 -13.01
CA PHE B 252 -7.35 20.24 -12.63
C PHE B 252 -6.70 20.38 -11.25
N GLY B 253 -7.01 19.47 -10.33
CA GLY B 253 -6.46 19.52 -8.98
C GLY B 253 -7.01 20.61 -8.08
N ASP B 254 -7.82 21.54 -8.58
CA ASP B 254 -8.22 22.72 -7.84
C ASP B 254 -9.72 22.65 -7.52
N HIS B 255 -10.39 23.81 -7.44
CA HIS B 255 -11.80 23.83 -7.09
C HIS B 255 -12.66 23.07 -8.08
N ARG B 256 -12.14 22.81 -9.30
CA ARG B 256 -12.87 22.03 -10.28
C ARG B 256 -12.77 20.54 -10.08
N TRP B 257 -11.70 20.07 -9.39
CA TRP B 257 -11.49 18.64 -9.16
C TRP B 257 -10.32 18.53 -8.19
N PRO B 258 -10.59 18.48 -6.89
CA PRO B 258 -9.51 18.66 -5.91
C PRO B 258 -8.55 17.49 -5.87
N LEU B 259 -7.26 17.81 -5.83
CA LEU B 259 -6.24 16.77 -5.71
C LEU B 259 -6.42 15.99 -4.41
N VAL B 260 -6.54 16.70 -3.30
CA VAL B 260 -6.66 16.09 -1.97
C VAL B 260 -7.94 16.60 -1.32
N THR B 261 -8.75 15.67 -0.80
CA THR B 261 -9.84 15.97 0.13
C THR B 261 -9.40 15.50 1.52
N HIS B 262 -9.29 16.43 2.46
CA HIS B 262 -8.70 16.18 3.75
C HIS B 262 -9.74 16.35 4.85
N PHE B 263 -9.97 15.27 5.60
CA PHE B 263 -11.07 15.20 6.57
C PHE B 263 -10.66 15.70 7.94
N VAL B 264 -10.15 16.94 7.95
CA VAL B 264 -9.77 17.61 9.20
C VAL B 264 -10.96 17.64 10.15
N GLY B 265 -10.70 17.28 11.40
CA GLY B 265 -11.74 17.31 12.42
C GLY B 265 -12.58 16.05 12.52
N CYS B 266 -12.49 15.15 11.55
CA CYS B 266 -13.14 13.86 11.61
C CYS B 266 -12.21 12.86 12.28
N LYS B 267 -12.70 12.13 13.27
CA LYS B 267 -11.87 11.19 14.01
C LYS B 267 -12.60 9.86 14.15
N PRO B 268 -12.75 9.13 13.06
CA PRO B 268 -13.49 7.87 13.11
C PRO B 268 -12.78 6.79 13.89
N CYS B 269 -11.50 6.95 14.16
CA CYS B 269 -10.77 5.97 14.94
C CYS B 269 -11.00 6.15 16.44
N GLY B 270 -11.20 7.40 16.88
CA GLY B 270 -11.48 7.70 18.27
C GLY B 270 -12.96 7.84 18.53
N LYS B 271 -13.27 8.29 19.74
CA LYS B 271 -14.66 8.43 20.17
C LYS B 271 -15.21 9.82 19.86
N PHE B 272 -14.37 10.86 19.91
CA PHE B 272 -14.85 12.22 19.71
C PHE B 272 -14.69 12.66 18.26
N GLY B 273 -13.83 13.65 18.02
CA GLY B 273 -13.83 14.34 16.74
C GLY B 273 -14.65 15.61 16.80
N ASP B 274 -14.22 16.61 16.03
CA ASP B 274 -14.89 17.91 16.02
C ASP B 274 -16.22 17.88 15.28
N TYR B 275 -16.49 16.85 14.49
CA TYR B 275 -17.67 16.83 13.64
C TYR B 275 -18.45 15.54 13.85
N PRO B 276 -19.77 15.57 13.61
CA PRO B 276 -20.57 14.35 13.76
C PRO B 276 -20.03 13.22 12.90
N VAL B 277 -19.76 12.08 13.55
CA VAL B 277 -19.12 10.96 12.88
C VAL B 277 -19.94 10.48 11.68
N GLU B 278 -21.26 10.60 11.74
CA GLU B 278 -22.11 10.04 10.68
C GLU B 278 -21.83 10.71 9.35
N ARG B 279 -21.91 12.05 9.30
CA ARG B 279 -21.56 12.75 8.08
C ARG B 279 -20.10 12.48 7.72
N CYS B 280 -19.21 12.42 8.71
CA CYS B 280 -17.82 12.14 8.41
C CYS B 280 -17.67 10.85 7.62
N LEU B 281 -18.27 9.77 8.10
CA LEU B 281 -18.11 8.48 7.42
C LEU B 281 -18.81 8.47 6.07
N ARG B 282 -20.01 9.05 5.99
CA ARG B 282 -20.71 9.10 4.71
C ARG B 282 -19.92 9.91 3.68
N GLN B 283 -19.32 11.01 4.11
CA GLN B 283 -18.54 11.81 3.17
C GLN B 283 -17.17 11.21 2.87
N MET B 284 -16.56 10.50 3.83
CA MET B 284 -15.37 9.73 3.50
C MET B 284 -15.69 8.63 2.49
N ASP B 285 -16.86 8.00 2.59
CA ASP B 285 -17.28 7.03 1.57
C ASP B 285 -17.33 7.70 0.20
N ARG B 286 -17.95 8.88 0.13
CA ARG B 286 -18.10 9.58 -1.15
C ARG B 286 -16.75 9.98 -1.73
N ALA B 287 -15.85 10.50 -0.90
CA ALA B 287 -14.53 10.86 -1.40
C ALA B 287 -13.79 9.63 -1.89
N PHE B 288 -13.86 8.52 -1.15
CA PHE B 288 -13.21 7.30 -1.62
C PHE B 288 -13.76 6.88 -2.98
N ASN B 289 -15.09 6.91 -3.15
CA ASN B 289 -15.67 6.49 -4.42
C ASN B 289 -15.38 7.49 -5.53
N PHE B 290 -15.32 8.78 -5.20
CA PHE B 290 -14.97 9.79 -6.18
C PHE B 290 -13.60 9.51 -6.77
N GLY B 291 -12.63 9.17 -5.90
CA GLY B 291 -11.32 8.79 -6.39
C GLY B 291 -11.32 7.42 -7.04
N ASP B 292 -12.03 6.46 -6.45
CA ASP B 292 -11.99 5.09 -6.94
C ASP B 292 -12.62 4.98 -8.33
N ASN B 293 -13.62 5.80 -8.64
CA ASN B 293 -14.21 5.77 -9.97
C ASN B 293 -13.16 6.02 -11.05
N GLN B 294 -12.19 6.87 -10.76
CA GLN B 294 -11.14 7.16 -11.73
C GLN B 294 -10.24 5.95 -11.95
N ILE B 295 -10.04 5.14 -10.92
CA ILE B 295 -9.31 3.88 -11.05
C ILE B 295 -10.15 2.85 -11.79
N LEU B 296 -11.39 2.63 -11.33
CA LEU B 296 -12.20 1.59 -11.93
C LEU B 296 -12.52 1.88 -13.39
N GLN B 297 -12.61 3.17 -13.77
CA GLN B 297 -12.90 3.53 -15.15
C GLN B 297 -11.90 2.87 -16.11
N MET B 298 -10.62 2.83 -15.71
CA MET B 298 -9.58 2.22 -16.54
C MET B 298 -9.91 0.77 -16.87
N TYR B 299 -10.67 0.11 -15.99
CA TYR B 299 -10.95 -1.30 -16.07
C TYR B 299 -12.40 -1.57 -16.48
N GLY B 300 -13.13 -0.52 -16.86
CA GLY B 300 -14.48 -0.70 -17.38
C GLY B 300 -15.56 -0.79 -16.32
N PHE B 301 -15.33 -0.23 -15.13
CA PHE B 301 -16.31 -0.25 -14.06
C PHE B 301 -16.43 1.12 -13.42
N THR B 302 -17.54 1.30 -12.68
CA THR B 302 -17.76 2.52 -11.91
C THR B 302 -18.65 2.18 -10.72
N HIS B 303 -18.60 3.01 -9.68
CA HIS B 303 -19.52 2.82 -8.57
C HIS B 303 -20.94 3.16 -9.02
N LYS B 304 -21.92 2.42 -8.49
CA LYS B 304 -23.30 2.65 -8.88
C LYS B 304 -23.75 4.06 -8.55
N SER B 305 -23.24 4.60 -7.44
CA SER B 305 -23.43 6.00 -7.07
C SER B 305 -22.27 6.34 -6.15
N LEU B 306 -22.09 7.63 -5.87
CA LEU B 306 -20.98 8.03 -5.00
C LEU B 306 -21.15 7.52 -3.57
N GLY B 307 -22.35 7.11 -3.18
CA GLY B 307 -22.56 6.56 -1.86
C GLY B 307 -22.58 5.06 -1.78
N SER B 308 -22.36 4.35 -2.89
CA SER B 308 -22.55 2.89 -2.93
C SER B 308 -21.23 2.15 -3.07
N ARG B 309 -21.11 1.06 -2.33
CA ARG B 309 -19.95 0.19 -2.47
C ARG B 309 -20.03 -0.72 -3.69
N ARG B 310 -21.21 -0.84 -4.30
CA ARG B 310 -21.36 -1.71 -5.45
C ARG B 310 -20.85 -1.03 -6.71
N VAL B 311 -20.40 -1.84 -7.67
CA VAL B 311 -19.90 -1.33 -8.94
C VAL B 311 -20.72 -1.91 -10.10
N LYS B 312 -20.62 -1.26 -11.24
CA LYS B 312 -21.31 -1.73 -12.45
C LYS B 312 -20.40 -1.50 -13.65
N PRO B 313 -20.56 -2.28 -14.70
CA PRO B 313 -19.78 -2.04 -15.93
C PRO B 313 -20.14 -0.71 -16.57
N THR B 314 -19.12 -0.10 -17.17
CA THR B 314 -19.31 1.09 -17.99
C THR B 314 -19.37 0.78 -19.48
N ARG B 315 -19.07 -0.46 -19.87
CA ARG B 315 -19.02 -0.87 -21.26
C ARG B 315 -18.97 -2.39 -21.28
N ASN B 316 -19.22 -2.96 -22.46
CA ASN B 316 -19.17 -4.40 -22.61
C ASN B 316 -17.72 -4.87 -22.68
N GLN B 317 -17.49 -6.10 -22.25
CA GLN B 317 -16.19 -6.73 -22.46
C GLN B 317 -15.94 -6.89 -23.95
N THR B 318 -14.66 -7.01 -24.30
CA THR B 318 -14.24 -7.08 -25.69
C THR B 318 -13.13 -8.10 -25.82
N ASP B 319 -12.98 -8.63 -27.04
CA ASP B 319 -11.85 -9.49 -27.37
C ASP B 319 -10.70 -8.71 -27.97
N ARG B 320 -10.76 -7.38 -27.93
CA ARG B 320 -9.68 -6.50 -28.38
C ARG B 320 -9.38 -5.49 -27.28
N PRO B 321 -8.94 -5.96 -26.10
CA PRO B 321 -8.80 -5.05 -24.96
C PRO B 321 -7.76 -3.95 -25.14
N LEU B 322 -6.82 -4.10 -26.06
CA LEU B 322 -5.71 -3.17 -26.19
C LEU B 322 -5.97 -2.05 -27.18
N ASP B 323 -7.07 -2.09 -27.93
CA ASP B 323 -7.39 -0.99 -28.83
C ASP B 323 -7.90 0.24 -28.07
N ALA B 324 -8.42 0.05 -26.86
CA ALA B 324 -8.94 1.15 -26.07
C ALA B 324 -7.85 1.70 -25.17
N LYS B 325 -7.34 2.89 -25.49
CA LYS B 325 -6.58 3.69 -24.54
C LYS B 325 -7.58 4.38 -23.61
N ASP B 326 -7.44 4.16 -22.31
CA ASP B 326 -8.45 4.67 -21.38
C ASP B 326 -8.50 6.19 -21.42
N GLU B 327 -9.63 6.74 -20.97
CA GLU B 327 -9.97 8.14 -21.24
C GLU B 327 -8.86 9.09 -20.79
N PHE B 328 -8.26 8.85 -19.63
CA PHE B 328 -7.30 9.79 -19.05
C PHE B 328 -5.86 9.30 -19.11
N GLY B 329 -5.60 8.22 -19.83
CA GLY B 329 -4.24 7.75 -20.02
C GLY B 329 -3.57 7.29 -18.75
N LEU B 330 -4.32 6.69 -17.82
CA LEU B 330 -3.75 6.28 -16.55
C LEU B 330 -3.25 4.84 -16.56
N LEU B 331 -3.66 4.02 -17.52
CA LEU B 331 -3.14 2.66 -17.58
C LEU B 331 -1.64 2.66 -17.88
N HIS B 332 -1.21 3.49 -18.81
CA HIS B 332 0.20 3.57 -19.21
C HIS B 332 0.59 5.05 -19.31
N PRO B 333 0.72 5.72 -18.18
CA PRO B 333 1.01 7.14 -18.18
C PRO B 333 2.51 7.39 -18.31
N PRO B 334 2.92 8.61 -18.64
CA PRO B 334 4.36 8.90 -18.72
C PRO B 334 5.08 8.87 -17.38
N PHE B 335 4.36 9.00 -16.26
CA PHE B 335 5.01 9.01 -14.95
C PHE B 335 5.70 7.69 -14.64
N LYS B 336 5.36 6.61 -15.36
CA LYS B 336 5.93 5.30 -15.12
C LYS B 336 6.73 4.80 -16.32
N ALA B 337 6.95 5.64 -17.33
CA ALA B 337 7.67 5.24 -18.53
C ALA B 337 9.14 5.00 -18.25
MN MN C . -5.93 -17.37 2.62
MN MN D . -5.32 15.21 8.96
#